data_2IEH
#
_entry.id   2IEH
#
_cell.length_a   69.370
_cell.length_b   79.900
_cell.length_c   159.860
_cell.angle_alpha   90.00
_cell.angle_beta   90.00
_cell.angle_gamma   90.00
#
_symmetry.space_group_name_H-M   'P 21 21 21'
#
loop_
_entity.id
_entity.type
_entity.pdbx_description
1 polymer 'Kinesin-like protein KIF11'
2 non-polymer 'MAGNESIUM ION'
3 non-polymer 'POTASSIUM ION'
4 non-polymer 'CHLORIDE ION'
5 non-polymer "ADENOSINE-5'-DIPHOSPHATE"
6 non-polymer [(4R)-4-(3-HYDROXYPHENYL)-1,6-DIMETHYL-2-THIOXO-1,2,3,4-TETRAHYDROPYRIMIDIN-5-YL](PHENYL)METHANONE
7 non-polymer 'TETRAETHYLENE GLYCOL'
8 water water
#
_entity_poly.entity_id   1
_entity_poly.type   'polypeptide(L)'
_entity_poly.pdbx_seq_one_letter_code
;ASQPNSSAKKKEEKGKNIQVVVRCRPFNLAERKASAHSIVECDPVRKEVSVRTGGLADKSSRKTYTFDMVFGASTKQIDV
YRSVVCPILDEVIMGYNCTIFAYGQTGTGKTFTMEGERSPNEEYTWEEDPLAGIIPRTLHQIFEKLTDNGTEFSVKVSLL
EIYNEELFDLLNPSSDVSERLQMFDDPRNKRGVIIKGLEEITVHNKDEVYQILEKGAAKRTTAATLMNAYSSRSHSVFSV
TIHMKETTIDGEELVKIGKLNLVDLAGSENIGRSGAVDKRAREAGNINQSLLTLGRVITALVERTPHVPYRESKLTRILQ
DSLGGRTRTSIIATISPASLNLEETLSTLEYAHRAKNILNKPEVNQK
;
_entity_poly.pdbx_strand_id   A,B
#
loop_
_chem_comp.id
_chem_comp.type
_chem_comp.name
_chem_comp.formula
ADP non-polymer ADENOSINE-5'-DIPHOSPHATE 'C10 H15 N5 O10 P2'
CL non-polymer 'CHLORIDE ION' 'Cl -1'
K non-polymer 'POTASSIUM ION' 'K 1'
MG non-polymer 'MAGNESIUM ION' 'Mg 2'
MOY non-polymer [(4R)-4-(3-HYDROXYPHENYL)-1,6-DIMETHYL-2-THIOXO-1,2,3,4-TETRAHYDROPYRIMIDIN-5-YL](PHENYL)METHANONE 'C19 H18 N2 O2 S'
PG4 non-polymer 'TETRAETHYLENE GLYCOL' 'C8 H18 O5'
#
# COMPACT_ATOMS: atom_id res chain seq x y z
N LYS A 14 -6.61 -29.12 -14.82
CA LYS A 14 -7.27 -27.85 -15.01
C LYS A 14 -7.27 -26.76 -14.07
N GLY A 15 -6.52 -25.87 -14.72
CA GLY A 15 -6.00 -24.50 -14.21
C GLY A 15 -5.46 -23.94 -15.63
N LYS A 16 -4.54 -22.97 -15.58
CA LYS A 16 -3.78 -22.40 -16.78
C LYS A 16 -2.95 -21.21 -16.27
N ASN A 17 -1.68 -21.11 -16.65
CA ASN A 17 -0.82 -20.00 -16.23
C ASN A 17 -1.23 -18.69 -16.93
N ILE A 18 -0.85 -17.55 -16.37
CA ILE A 18 -1.14 -16.26 -17.02
C ILE A 18 -0.08 -16.18 -18.13
N GLN A 19 -0.50 -16.00 -19.38
CA GLN A 19 0.47 -15.91 -20.46
C GLN A 19 0.91 -14.45 -20.65
N VAL A 20 2.24 -14.23 -20.71
CA VAL A 20 2.83 -12.90 -20.85
C VAL A 20 3.58 -12.75 -22.17
N VAL A 21 3.30 -11.66 -22.88
CA VAL A 21 3.97 -11.37 -24.14
C VAL A 21 4.60 -10.01 -23.98
N VAL A 22 5.70 -9.81 -24.68
CA VAL A 22 6.42 -8.55 -24.64
C VAL A 22 6.37 -7.96 -26.01
N ARG A 23 6.15 -6.66 -26.10
CA ARG A 23 6.12 -5.99 -27.37
C ARG A 23 6.94 -4.70 -27.35
N CYS A 24 8.04 -4.70 -28.09
CA CYS A 24 8.94 -3.55 -28.19
C CYS A 24 8.36 -2.64 -29.25
N ARG A 25 8.49 -1.33 -29.08
CA ARG A 25 7.99 -0.41 -30.08
C ARG A 25 9.17 0.04 -30.92
N PRO A 26 8.93 0.45 -32.17
CA PRO A 26 10.06 0.89 -32.98
C PRO A 26 10.39 2.30 -32.58
N PHE A 27 11.50 2.78 -33.10
CA PHE A 27 12.00 4.12 -32.89
C PHE A 27 11.14 5.16 -33.60
N ASN A 28 11.04 6.36 -33.05
CA ASN A 28 10.26 7.41 -33.69
C ASN A 28 11.24 8.18 -34.57
N LEU A 29 10.78 9.24 -35.24
CA LEU A 29 11.69 10.02 -36.08
C LEU A 29 12.74 10.77 -35.27
N ALA A 30 12.35 11.23 -34.08
CA ALA A 30 13.25 11.98 -33.21
C ALA A 30 14.43 11.11 -32.82
N GLU A 31 14.16 9.82 -32.68
CA GLU A 31 15.21 8.88 -32.31
C GLU A 31 16.00 8.47 -33.54
N ARG A 32 15.32 8.30 -34.67
N ARG A 32 15.33 8.35 -34.68
CA ARG A 32 16.03 7.90 -35.88
CA ARG A 32 16.02 7.97 -35.90
C ARG A 32 16.92 9.01 -36.45
C ARG A 32 16.94 9.03 -36.44
N LYS A 33 16.41 10.23 -36.57
CA LYS A 33 17.21 11.36 -37.09
C LYS A 33 18.48 11.55 -36.27
N ALA A 34 18.49 10.98 -35.06
CA ALA A 34 19.62 11.08 -34.16
C ALA A 34 20.38 9.77 -34.12
N SER A 35 20.22 8.97 -35.18
CA SER A 35 20.88 7.67 -35.30
C SER A 35 20.85 6.95 -33.96
N ALA A 36 19.64 6.57 -33.54
CA ALA A 36 19.41 5.88 -32.28
C ALA A 36 19.73 4.42 -32.41
N HIS A 37 20.40 3.94 -31.40
CA HIS A 37 20.87 2.61 -31.46
C HIS A 37 20.11 1.87 -30.36
N SER A 38 19.71 0.64 -30.68
CA SER A 38 18.91 -0.14 -29.75
C SER A 38 19.68 -1.01 -28.80
N ILE A 39 19.19 -1.05 -27.57
CA ILE A 39 19.77 -1.83 -26.52
C ILE A 39 18.88 -3.07 -26.33
N VAL A 40 17.98 -3.28 -27.27
CA VAL A 40 17.07 -4.42 -27.23
C VAL A 40 17.10 -5.28 -28.47
N GLU A 41 16.92 -6.59 -28.28
CA GLU A 41 16.90 -7.58 -29.38
C GLU A 41 15.82 -8.64 -29.14
N CYS A 42 15.09 -8.98 -30.20
CA CYS A 42 14.01 -9.97 -30.10
C CYS A 42 14.16 -11.18 -31.01
N ASP A 43 13.84 -12.34 -30.46
CA ASP A 43 13.92 -13.62 -31.17
C ASP A 43 12.55 -14.23 -30.96
N PRO A 44 11.56 -13.89 -31.80
CA PRO A 44 10.23 -14.47 -31.62
C PRO A 44 10.24 -15.99 -31.60
N VAL A 45 11.15 -16.58 -32.38
CA VAL A 45 11.26 -18.02 -32.47
C VAL A 45 11.68 -18.66 -31.17
N ARG A 46 12.65 -18.06 -30.49
CA ARG A 46 13.11 -18.60 -29.21
C ARG A 46 12.31 -17.91 -28.12
N LYS A 47 11.43 -16.99 -28.51
CA LYS A 47 10.63 -16.23 -27.55
C LYS A 47 11.50 -15.54 -26.49
N GLU A 48 12.56 -14.86 -26.92
CA GLU A 48 13.45 -14.18 -25.97
C GLU A 48 13.65 -12.72 -26.27
N VAL A 49 13.98 -11.97 -25.21
CA VAL A 49 14.27 -10.55 -25.34
C VAL A 49 15.61 -10.38 -24.66
N SER A 50 16.55 -9.75 -25.33
CA SER A 50 17.88 -9.53 -24.77
C SER A 50 18.09 -8.03 -24.64
N VAL A 51 18.62 -7.60 -23.50
CA VAL A 51 18.86 -6.18 -23.26
C VAL A 51 20.30 -5.87 -22.88
N ARG A 52 20.89 -4.95 -23.64
CA ARG A 52 22.26 -4.49 -23.41
C ARG A 52 22.18 -3.63 -22.13
N THR A 53 22.53 -4.25 -21.01
CA THR A 53 22.47 -3.60 -19.70
C THR A 53 23.52 -2.55 -19.46
N GLY A 54 24.35 -2.30 -20.45
CA GLY A 54 25.39 -1.30 -20.32
C GLY A 54 26.57 -1.66 -21.16
N GLY A 55 27.35 -0.67 -21.55
CA GLY A 55 28.52 -0.95 -22.35
C GLY A 55 28.35 -0.80 -23.85
N LEU A 56 29.20 -1.50 -24.58
CA LEU A 56 29.22 -1.42 -26.03
C LEU A 56 28.69 -2.61 -26.82
N ALA A 57 28.36 -2.36 -28.08
CA ALA A 57 27.87 -3.40 -28.99
C ALA A 57 29.11 -4.10 -29.52
N ASP A 58 30.25 -3.49 -29.25
CA ASP A 58 31.56 -4.01 -29.63
C ASP A 58 31.78 -5.19 -28.68
N LYS A 59 31.58 -4.94 -27.38
CA LYS A 59 31.65 -5.97 -26.35
C LYS A 59 30.75 -5.44 -25.23
N SER A 60 29.86 -6.29 -24.73
CA SER A 60 28.93 -5.87 -23.69
C SER A 60 28.37 -7.01 -22.86
N SER A 61 27.55 -6.63 -21.89
CA SER A 61 26.87 -7.56 -21.01
C SER A 61 25.40 -7.40 -21.40
N ARG A 62 24.67 -8.51 -21.49
CA ARG A 62 23.26 -8.46 -21.85
C ARG A 62 22.46 -9.30 -20.86
N LYS A 63 21.20 -8.91 -20.63
CA LYS A 63 20.30 -9.65 -19.75
C LYS A 63 19.19 -10.21 -20.64
N THR A 64 18.92 -11.52 -20.52
CA THR A 64 17.89 -12.15 -21.35
C THR A 64 16.72 -12.69 -20.53
N TYR A 65 15.54 -12.69 -21.14
CA TYR A 65 14.33 -13.17 -20.47
C TYR A 65 13.49 -13.97 -21.47
N THR A 66 12.86 -15.04 -21.00
CA THR A 66 12.03 -15.83 -21.88
C THR A 66 10.56 -15.64 -21.50
N PHE A 67 9.75 -15.26 -22.47
CA PHE A 67 8.33 -15.06 -22.24
C PHE A 67 7.57 -16.02 -23.14
N ASP A 68 6.26 -16.10 -22.94
CA ASP A 68 5.40 -16.96 -23.72
C ASP A 68 5.43 -16.55 -25.20
N MET A 69 5.61 -15.26 -25.47
CA MET A 69 5.69 -14.74 -26.84
C MET A 69 6.48 -13.43 -26.88
N VAL A 70 7.14 -13.15 -27.99
CA VAL A 70 7.90 -11.91 -28.14
C VAL A 70 7.70 -11.27 -29.52
N PHE A 71 7.37 -9.99 -29.53
CA PHE A 71 7.15 -9.25 -30.77
C PHE A 71 8.10 -8.05 -30.82
N GLY A 72 8.97 -8.01 -31.83
CA GLY A 72 9.91 -6.91 -31.93
C GLY A 72 9.32 -5.65 -32.53
N ALA A 73 10.17 -4.66 -32.77
CA ALA A 73 9.74 -3.40 -33.33
C ALA A 73 8.97 -3.52 -34.65
N SER A 74 9.35 -4.43 -35.54
CA SER A 74 8.66 -4.55 -36.82
C SER A 74 7.23 -5.08 -36.79
N THR A 75 6.78 -5.56 -35.63
CA THR A 75 5.44 -6.11 -35.48
C THR A 75 4.32 -5.12 -35.71
N LYS A 76 3.40 -5.48 -36.60
CA LYS A 76 2.25 -4.64 -36.92
C LYS A 76 0.98 -5.05 -36.12
N GLN A 77 0.02 -4.15 -36.03
CA GLN A 77 -1.19 -4.44 -35.28
C GLN A 77 -1.76 -5.80 -35.66
N ILE A 78 -2.02 -6.00 -36.95
CA ILE A 78 -2.58 -7.25 -37.44
C ILE A 78 -1.83 -8.47 -36.88
N ASP A 79 -0.52 -8.37 -36.73
CA ASP A 79 0.24 -9.49 -36.18
C ASP A 79 -0.21 -9.80 -34.74
N VAL A 80 -0.32 -8.75 -33.94
CA VAL A 80 -0.72 -8.90 -32.55
C VAL A 80 -2.12 -9.47 -32.47
N TYR A 81 -2.99 -8.99 -33.33
CA TYR A 81 -4.36 -9.46 -33.33
C TYR A 81 -4.49 -10.92 -33.73
N ARG A 82 -3.76 -11.32 -34.76
CA ARG A 82 -3.82 -12.69 -35.26
C ARG A 82 -3.15 -13.67 -34.32
N SER A 83 -2.16 -13.20 -33.58
CA SER A 83 -1.46 -14.07 -32.68
C SER A 83 -2.02 -14.16 -31.28
N VAL A 84 -2.24 -13.03 -30.64
CA VAL A 84 -2.73 -13.12 -29.28
C VAL A 84 -4.23 -12.88 -29.09
N VAL A 85 -4.84 -12.02 -29.88
CA VAL A 85 -6.25 -11.71 -29.70
C VAL A 85 -7.33 -12.64 -30.27
N CYS A 86 -7.21 -13.05 -31.53
CA CYS A 86 -8.22 -13.93 -32.12
C CYS A 86 -8.40 -15.20 -31.27
N PRO A 87 -7.29 -15.83 -30.84
CA PRO A 87 -7.45 -17.03 -30.01
C PRO A 87 -8.16 -16.76 -28.67
N ILE A 88 -7.95 -15.58 -28.10
CA ILE A 88 -8.60 -15.25 -26.83
C ILE A 88 -10.06 -14.85 -27.05
N LEU A 89 -10.34 -14.30 -28.22
CA LEU A 89 -11.70 -13.88 -28.54
C LEU A 89 -12.53 -15.15 -28.69
N ASP A 90 -11.95 -16.17 -29.31
CA ASP A 90 -12.69 -17.41 -29.51
C ASP A 90 -13.06 -18.04 -28.18
N GLU A 91 -12.13 -18.00 -27.21
CA GLU A 91 -12.44 -18.55 -25.90
C GLU A 91 -13.65 -17.79 -25.31
N VAL A 92 -13.67 -16.48 -25.51
CA VAL A 92 -14.74 -15.61 -25.01
C VAL A 92 -16.05 -15.99 -25.66
N ILE A 93 -16.01 -16.28 -26.96
CA ILE A 93 -17.23 -16.64 -27.68
C ILE A 93 -17.75 -18.02 -27.26
N MET A 94 -16.86 -18.86 -26.74
CA MET A 94 -17.25 -20.18 -26.26
C MET A 94 -18.01 -20.07 -24.95
N GLY A 95 -17.96 -18.89 -24.33
CA GLY A 95 -18.66 -18.69 -23.07
C GLY A 95 -17.76 -18.53 -21.85
N TYR A 96 -16.55 -18.03 -22.05
CA TYR A 96 -15.63 -17.83 -20.93
C TYR A 96 -15.28 -16.37 -20.65
N ASN A 97 -14.48 -16.16 -19.62
CA ASN A 97 -14.05 -14.81 -19.27
C ASN A 97 -12.57 -14.68 -19.53
N CYS A 98 -12.22 -13.66 -20.29
CA CYS A 98 -10.84 -13.42 -20.60
C CYS A 98 -10.49 -11.97 -20.34
N THR A 99 -9.27 -11.75 -19.88
CA THR A 99 -8.78 -10.42 -19.60
C THR A 99 -7.40 -10.24 -20.21
N ILE A 100 -7.21 -9.11 -20.88
CA ILE A 100 -5.91 -8.82 -21.49
C ILE A 100 -5.43 -7.50 -20.95
N PHE A 101 -4.13 -7.43 -20.74
CA PHE A 101 -3.57 -6.21 -20.22
C PHE A 101 -2.47 -5.73 -21.02
N ALA A 102 -2.11 -4.51 -20.66
CA ALA A 102 -1.01 -3.84 -21.25
C ALA A 102 -0.28 -3.24 -20.05
N TYR A 103 1.02 -3.47 -19.96
CA TYR A 103 1.79 -2.97 -18.84
C TYR A 103 3.12 -2.44 -19.36
N GLY A 104 3.50 -1.28 -18.85
CA GLY A 104 4.74 -0.69 -19.27
C GLY A 104 4.77 0.80 -19.04
N GLN A 105 5.98 1.31 -19.06
CA GLN A 105 6.25 2.72 -18.87
C GLN A 105 5.51 3.51 -19.93
N THR A 106 5.13 4.73 -19.61
CA THR A 106 4.44 5.60 -20.55
C THR A 106 5.34 5.80 -21.77
N GLY A 107 4.74 5.79 -22.96
CA GLY A 107 5.47 6.00 -24.20
C GLY A 107 5.96 4.73 -24.87
N THR A 108 5.65 3.58 -24.30
CA THR A 108 6.11 2.31 -24.86
C THR A 108 5.07 1.62 -25.76
N GLY A 109 3.83 2.13 -25.74
CA GLY A 109 2.78 1.60 -26.58
C GLY A 109 1.57 0.92 -25.98
N LYS A 110 1.29 1.17 -24.71
CA LYS A 110 0.14 0.53 -24.06
C LYS A 110 -1.17 0.88 -24.76
N THR A 111 -1.34 2.17 -25.06
CA THR A 111 -2.55 2.65 -25.73
C THR A 111 -2.60 2.29 -27.22
N PHE A 112 -1.45 2.26 -27.87
CA PHE A 112 -1.38 1.90 -29.28
C PHE A 112 -1.95 0.50 -29.35
N THR A 113 -1.34 -0.37 -28.57
CA THR A 113 -1.73 -1.76 -28.51
C THR A 113 -3.21 -1.97 -28.26
N MET A 114 -3.70 -1.42 -27.15
CA MET A 114 -5.12 -1.58 -26.82
C MET A 114 -6.09 -0.92 -27.79
N GLU A 115 -5.95 0.38 -28.01
CA GLU A 115 -6.85 1.11 -28.90
C GLU A 115 -6.26 1.41 -30.29
N GLY A 116 -4.96 1.70 -30.34
CA GLY A 116 -4.33 2.01 -31.61
C GLY A 116 -4.69 3.42 -32.05
N GLU A 117 -4.38 3.79 -33.29
CA GLU A 117 -4.72 5.12 -33.78
C GLU A 117 -5.29 5.12 -35.20
N ARG A 118 -5.34 6.30 -35.81
CA ARG A 118 -5.83 6.45 -37.17
C ARG A 118 -4.70 6.87 -38.11
N SER A 119 -4.76 6.42 -39.36
CA SER A 119 -3.76 6.77 -40.34
C SER A 119 -4.15 8.16 -40.79
N PRO A 120 -3.16 9.05 -40.93
CA PRO A 120 -3.39 10.44 -41.35
C PRO A 120 -4.18 10.61 -42.66
N ASN A 121 -4.45 11.87 -43.00
CA ASN A 121 -5.12 12.25 -44.23
C ASN A 121 -6.29 11.36 -44.64
N GLU A 122 -7.08 10.96 -43.63
CA GLU A 122 -8.24 10.10 -43.85
C GLU A 122 -8.00 9.05 -44.92
N GLU A 123 -6.83 8.42 -44.91
CA GLU A 123 -6.49 7.44 -45.92
C GLU A 123 -7.35 6.21 -45.81
N TYR A 124 -8.00 6.08 -44.67
CA TYR A 124 -8.68 4.83 -44.36
C TYR A 124 -9.97 4.91 -43.56
N THR A 125 -10.77 3.83 -43.59
CA THR A 125 -12.01 3.77 -42.79
C THR A 125 -11.56 3.06 -41.52
N TRP A 126 -12.28 3.23 -40.42
CA TRP A 126 -11.87 2.63 -39.16
C TRP A 126 -11.83 1.10 -39.17
N GLU A 127 -12.52 0.48 -40.11
CA GLU A 127 -12.57 -0.98 -40.20
C GLU A 127 -11.32 -1.56 -40.87
N GLU A 128 -10.67 -0.77 -41.70
CA GLU A 128 -9.49 -1.21 -42.42
C GLU A 128 -8.21 -0.48 -42.01
N ASP A 129 -8.32 0.46 -41.09
CA ASP A 129 -7.11 1.18 -40.70
C ASP A 129 -6.10 0.21 -40.13
N PRO A 130 -4.92 0.15 -40.73
CA PRO A 130 -3.88 -0.74 -40.24
C PRO A 130 -3.36 -0.35 -38.84
N LEU A 131 -3.62 0.88 -38.42
CA LEU A 131 -3.16 1.34 -37.12
C LEU A 131 -4.12 1.02 -35.98
N ALA A 132 -5.20 0.33 -36.29
CA ALA A 132 -6.16 -0.03 -35.25
C ALA A 132 -5.57 -1.04 -34.26
N GLY A 133 -5.91 -0.84 -32.99
CA GLY A 133 -5.44 -1.73 -31.94
C GLY A 133 -6.44 -2.81 -31.58
N ILE A 134 -6.26 -3.42 -30.42
CA ILE A 134 -7.14 -4.50 -29.99
C ILE A 134 -8.63 -4.20 -29.85
N ILE A 135 -8.97 -3.14 -29.11
CA ILE A 135 -10.39 -2.83 -28.88
C ILE A 135 -11.31 -2.75 -30.10
N PRO A 136 -10.95 -1.96 -31.11
CA PRO A 136 -11.81 -1.87 -32.29
C PRO A 136 -11.79 -3.08 -33.22
N ARG A 137 -10.64 -3.72 -33.37
CA ARG A 137 -10.55 -4.89 -34.25
C ARG A 137 -11.39 -6.01 -33.69
N THR A 138 -11.45 -6.04 -32.36
CA THR A 138 -12.19 -7.04 -31.63
C THR A 138 -13.70 -6.86 -31.76
N LEU A 139 -14.15 -5.61 -31.71
CA LEU A 139 -15.58 -5.29 -31.82
C LEU A 139 -16.05 -5.53 -33.23
N HIS A 140 -15.12 -5.42 -34.17
CA HIS A 140 -15.42 -5.59 -35.59
C HIS A 140 -15.52 -7.08 -35.92
N GLN A 141 -14.66 -7.87 -35.30
CA GLN A 141 -14.69 -9.30 -35.56
C GLN A 141 -15.90 -9.94 -34.90
N ILE A 142 -16.20 -9.52 -33.67
CA ILE A 142 -17.34 -10.09 -32.96
C ILE A 142 -18.54 -10.18 -33.87
N PHE A 143 -18.85 -9.09 -34.58
CA PHE A 143 -20.00 -9.03 -35.49
C PHE A 143 -19.70 -9.82 -36.75
N GLU A 144 -18.43 -9.85 -37.11
CA GLU A 144 -17.99 -10.53 -38.32
C GLU A 144 -18.05 -12.03 -38.20
N LYS A 145 -17.88 -12.53 -36.98
CA LYS A 145 -17.90 -13.98 -36.76
C LYS A 145 -19.24 -14.53 -36.32
N LEU A 146 -20.03 -13.71 -35.62
CA LEU A 146 -21.34 -14.15 -35.14
C LEU A 146 -22.47 -13.91 -36.16
N THR A 147 -22.38 -12.84 -36.92
CA THR A 147 -23.40 -12.57 -37.93
C THR A 147 -23.28 -13.65 -38.99
N ASP A 148 -22.02 -14.04 -39.22
CA ASP A 148 -21.65 -15.08 -40.18
C ASP A 148 -22.48 -16.34 -39.92
N ASN A 149 -22.08 -17.11 -38.92
CA ASN A 149 -22.78 -18.34 -38.55
C ASN A 149 -24.20 -18.06 -38.12
N GLY A 150 -24.86 -19.06 -37.55
CA GLY A 150 -26.23 -18.89 -37.11
C GLY A 150 -26.33 -18.69 -35.61
N THR A 151 -26.02 -17.47 -35.15
CA THR A 151 -26.08 -17.17 -33.72
C THR A 151 -26.85 -15.89 -33.44
N GLU A 152 -27.70 -15.94 -32.42
CA GLU A 152 -28.45 -14.77 -32.01
C GLU A 152 -27.57 -14.19 -30.90
N PHE A 153 -27.21 -12.92 -31.01
CA PHE A 153 -26.36 -12.33 -29.97
C PHE A 153 -26.64 -10.87 -29.70
N SER A 154 -26.11 -10.40 -28.58
CA SER A 154 -26.24 -9.01 -28.18
C SER A 154 -24.90 -8.65 -27.54
N VAL A 155 -24.35 -7.50 -27.94
CA VAL A 155 -23.08 -7.07 -27.41
C VAL A 155 -23.21 -5.76 -26.69
N LYS A 156 -22.42 -5.73 -25.61
CA LYS A 156 -22.41 -4.66 -24.64
C LYS A 156 -21.07 -4.14 -24.25
N VAL A 157 -20.94 -2.84 -24.12
CA VAL A 157 -19.65 -2.31 -23.73
C VAL A 157 -19.72 -1.21 -22.70
N SER A 158 -18.71 -1.17 -21.83
CA SER A 158 -18.60 -0.16 -20.79
C SER A 158 -17.10 0.18 -20.70
N LEU A 159 -16.79 1.44 -20.41
CA LEU A 159 -15.41 1.87 -20.30
C LEU A 159 -15.22 2.56 -18.95
N LEU A 160 -14.68 1.79 -18.01
CA LEU A 160 -14.47 2.24 -16.63
C LEU A 160 -13.02 2.62 -16.42
N GLU A 161 -12.81 3.75 -15.77
CA GLU A 161 -11.45 4.18 -15.50
C GLU A 161 -11.27 4.69 -14.09
N ILE A 162 -10.08 4.42 -13.58
CA ILE A 162 -9.70 4.78 -12.24
C ILE A 162 -8.60 5.83 -12.18
N TYR A 163 -8.85 6.88 -11.41
CA TYR A 163 -7.88 7.94 -11.25
C TYR A 163 -7.85 8.20 -9.76
N ASN A 164 -6.66 8.08 -9.17
CA ASN A 164 -6.46 8.32 -7.75
C ASN A 164 -7.64 7.74 -6.95
N GLU A 165 -7.90 6.46 -7.21
CA GLU A 165 -8.95 5.69 -6.55
C GLU A 165 -10.40 6.19 -6.68
N GLU A 166 -10.67 6.96 -7.73
CA GLU A 166 -12.03 7.42 -7.98
C GLU A 166 -12.38 6.77 -9.31
N LEU A 167 -13.62 6.34 -9.45
CA LEU A 167 -14.04 5.68 -10.67
C LEU A 167 -14.72 6.63 -11.62
N PHE A 168 -14.40 6.51 -12.89
CA PHE A 168 -15.00 7.39 -13.88
C PHE A 168 -15.59 6.57 -15.03
N ASP A 169 -16.81 6.96 -15.44
CA ASP A 169 -17.53 6.30 -16.51
C ASP A 169 -17.33 7.11 -17.78
N LEU A 170 -16.52 6.59 -18.70
CA LEU A 170 -16.25 7.31 -19.93
C LEU A 170 -17.04 6.97 -21.19
N LEU A 171 -18.34 6.70 -21.07
CA LEU A 171 -19.17 6.41 -22.23
C LEU A 171 -20.64 6.72 -22.03
N ASN A 172 -20.95 7.50 -21.00
CA ASN A 172 -22.32 7.90 -20.70
C ASN A 172 -22.40 9.35 -21.22
N PRO A 173 -22.95 9.54 -22.43
CA PRO A 173 -23.09 10.86 -23.04
C PRO A 173 -24.16 11.77 -22.45
N SER A 174 -24.72 11.32 -21.33
CA SER A 174 -25.80 12.01 -20.64
C SER A 174 -25.34 12.43 -19.26
N SER A 175 -24.09 12.17 -18.99
CA SER A 175 -23.49 12.51 -17.74
C SER A 175 -22.19 13.18 -18.12
N ASP A 176 -21.54 13.72 -17.13
CA ASP A 176 -20.32 14.43 -17.30
C ASP A 176 -19.34 13.51 -16.53
N VAL A 177 -18.04 13.81 -16.46
CA VAL A 177 -17.14 12.89 -15.77
C VAL A 177 -16.71 13.30 -14.36
N SER A 178 -16.97 14.56 -13.97
CA SER A 178 -16.60 15.00 -12.64
C SER A 178 -17.15 14.01 -11.63
N GLU A 179 -18.29 13.46 -11.99
CA GLU A 179 -19.04 12.48 -11.20
C GLU A 179 -18.33 11.15 -11.00
N ARG A 180 -17.96 10.83 -9.76
CA ARG A 180 -17.34 9.54 -9.54
C ARG A 180 -18.52 8.55 -9.32
N LEU A 181 -18.33 7.26 -9.62
CA LEU A 181 -19.38 6.26 -9.39
C LEU A 181 -18.91 5.59 -8.12
N GLN A 182 -19.71 4.72 -7.51
CA GLN A 182 -19.20 4.07 -6.32
C GLN A 182 -19.14 2.57 -6.40
N MET A 183 -18.29 2.00 -5.60
CA MET A 183 -18.11 0.58 -5.63
C MET A 183 -18.68 -0.11 -4.41
N PHE A 184 -19.18 -1.31 -4.62
CA PHE A 184 -19.77 -2.11 -3.56
C PHE A 184 -19.47 -3.55 -3.91
N ASP A 185 -19.69 -4.47 -2.98
CA ASP A 185 -19.48 -5.88 -3.26
C ASP A 185 -20.85 -6.51 -3.60
N ASP A 186 -20.86 -7.31 -4.66
CA ASP A 186 -22.04 -8.04 -5.15
C ASP A 186 -22.34 -9.03 -4.03
N PRO A 187 -23.50 -8.93 -3.36
CA PRO A 187 -23.65 -9.97 -2.32
C PRO A 187 -23.84 -11.37 -2.95
N ARG A 188 -24.12 -11.38 -4.27
CA ARG A 188 -24.33 -12.58 -5.12
C ARG A 188 -22.94 -13.33 -5.27
N ASN A 189 -22.03 -12.75 -6.06
CA ASN A 189 -20.68 -13.30 -6.32
C ASN A 189 -19.70 -12.77 -5.27
N LYS A 190 -18.76 -13.61 -4.82
CA LYS A 190 -17.81 -13.16 -3.81
C LYS A 190 -16.52 -12.57 -4.38
N ARG A 191 -16.14 -12.99 -5.59
CA ARG A 191 -14.94 -12.46 -6.23
C ARG A 191 -15.36 -11.27 -7.11
N GLY A 192 -16.51 -10.67 -6.79
CA GLY A 192 -17.01 -9.54 -7.57
C GLY A 192 -17.47 -8.29 -6.85
N VAL A 193 -17.57 -7.20 -7.60
CA VAL A 193 -18.01 -5.91 -7.08
C VAL A 193 -19.17 -5.40 -7.94
N ILE A 194 -19.87 -4.40 -7.42
CA ILE A 194 -20.98 -3.78 -8.15
C ILE A 194 -20.67 -2.30 -8.28
N ILE A 195 -20.62 -1.82 -9.52
CA ILE A 195 -20.32 -0.42 -9.80
C ILE A 195 -21.62 0.32 -10.17
N LYS A 196 -22.27 0.88 -9.15
CA LYS A 196 -23.49 1.66 -9.25
C LYS A 196 -23.47 2.79 -10.31
N GLY A 197 -24.41 2.70 -11.24
CA GLY A 197 -24.53 3.72 -12.27
C GLY A 197 -23.72 3.60 -13.55
N LEU A 198 -22.63 2.84 -13.54
CA LEU A 198 -21.80 2.66 -14.73
C LEU A 198 -22.70 2.25 -15.90
N GLU A 199 -22.62 2.94 -17.02
CA GLU A 199 -23.48 2.57 -18.13
C GLU A 199 -22.92 1.51 -19.06
N GLU A 200 -23.85 0.73 -19.59
CA GLU A 200 -23.59 -0.37 -20.49
C GLU A 200 -24.24 -0.07 -21.82
N ILE A 201 -23.45 0.33 -22.80
CA ILE A 201 -23.98 0.67 -24.11
C ILE A 201 -24.08 -0.54 -25.02
N THR A 202 -25.30 -0.80 -25.50
CA THR A 202 -25.54 -1.92 -26.40
C THR A 202 -25.12 -1.56 -27.83
N VAL A 203 -24.22 -2.34 -28.40
CA VAL A 203 -23.80 -2.07 -29.76
C VAL A 203 -24.68 -2.92 -30.66
N HIS A 204 -25.68 -2.31 -31.26
CA HIS A 204 -26.61 -3.06 -32.10
C HIS A 204 -26.00 -3.62 -33.39
N ASN A 205 -24.96 -3.00 -33.91
CA ASN A 205 -24.33 -3.53 -35.12
C ASN A 205 -22.97 -2.88 -35.34
N LYS A 206 -22.15 -3.48 -36.19
CA LYS A 206 -20.81 -2.97 -36.45
C LYS A 206 -20.74 -1.46 -36.77
N ASP A 207 -21.75 -0.95 -37.50
CA ASP A 207 -21.79 0.47 -37.88
C ASP A 207 -22.23 1.41 -36.77
N GLU A 208 -21.95 1.03 -35.54
CA GLU A 208 -22.33 1.82 -34.39
C GLU A 208 -21.14 1.89 -33.45
N VAL A 209 -20.20 0.99 -33.71
CA VAL A 209 -18.99 0.83 -32.93
C VAL A 209 -18.10 2.04 -32.77
N TYR A 210 -17.92 2.75 -33.86
CA TYR A 210 -17.04 3.89 -33.90
C TYR A 210 -17.41 5.12 -33.10
N GLN A 211 -18.63 5.63 -33.35
CA GLN A 211 -19.15 6.80 -32.65
C GLN A 211 -19.11 6.56 -31.13
N ILE A 212 -19.38 5.32 -30.72
CA ILE A 212 -19.35 4.93 -29.32
C ILE A 212 -17.94 5.08 -28.76
N LEU A 213 -16.95 4.61 -29.51
CA LEU A 213 -15.57 4.71 -29.10
C LEU A 213 -15.22 6.20 -29.04
N GLU A 214 -15.33 6.84 -30.20
CA GLU A 214 -15.07 8.27 -30.34
C GLU A 214 -15.66 9.16 -29.24
N LYS A 215 -16.83 8.77 -28.73
CA LYS A 215 -17.51 9.53 -27.71
C LYS A 215 -16.72 9.39 -26.43
N GLY A 216 -16.16 8.19 -26.23
CA GLY A 216 -15.35 7.90 -25.08
C GLY A 216 -14.04 8.64 -25.23
N ALA A 217 -13.61 8.80 -26.48
CA ALA A 217 -12.37 9.52 -26.77
C ALA A 217 -12.58 10.95 -26.28
N ALA A 218 -13.69 11.54 -26.70
CA ALA A 218 -14.05 12.90 -26.34
C ALA A 218 -14.17 13.13 -24.83
N LYS A 219 -15.03 12.35 -24.16
CA LYS A 219 -15.23 12.46 -22.70
C LYS A 219 -13.90 12.45 -21.94
N ARG A 220 -12.97 11.72 -22.53
CA ARG A 220 -11.62 11.47 -22.07
C ARG A 220 -10.70 12.67 -22.15
N THR A 221 -10.87 13.43 -23.22
CA THR A 221 -10.05 14.60 -23.42
C THR A 221 -10.57 15.68 -22.47
N THR A 222 -11.78 15.47 -21.98
CA THR A 222 -12.44 16.37 -21.06
C THR A 222 -12.14 15.91 -19.64
N ALA A 223 -11.42 14.79 -19.55
CA ALA A 223 -11.02 14.21 -18.27
C ALA A 223 -9.56 14.62 -18.05
N ALA A 224 -8.86 14.76 -19.16
CA ALA A 224 -7.47 15.17 -19.18
C ALA A 224 -7.30 16.63 -18.77
N THR A 225 -8.36 17.42 -18.94
CA THR A 225 -8.35 18.85 -18.61
C THR A 225 -8.45 19.08 -17.11
N LEU A 226 -9.13 18.13 -16.48
CA LEU A 226 -9.42 18.13 -15.05
C LEU A 226 -8.38 17.56 -14.13
N MET A 227 -7.94 16.38 -14.51
CA MET A 227 -6.99 15.65 -13.74
C MET A 227 -5.62 15.71 -14.36
N ASN A 228 -4.63 15.92 -13.50
CA ASN A 228 -3.25 16.03 -13.93
C ASN A 228 -2.71 14.72 -14.49
N ALA A 229 -2.04 14.80 -15.63
CA ALA A 229 -1.47 13.63 -16.26
C ALA A 229 -2.48 12.48 -16.40
N TYR A 230 -3.75 12.82 -16.55
CA TYR A 230 -4.80 11.81 -16.64
C TYR A 230 -4.51 10.61 -17.52
N SER A 231 -3.90 10.82 -18.68
CA SER A 231 -3.62 9.71 -19.59
C SER A 231 -2.49 8.80 -19.14
N SER A 232 -1.67 9.30 -18.21
CA SER A 232 -0.53 8.54 -17.70
C SER A 232 -0.79 7.89 -16.35
N ARG A 233 -1.61 8.53 -15.52
CA ARG A 233 -1.86 8.00 -14.19
C ARG A 233 -3.22 7.33 -14.01
N SER A 234 -3.96 7.13 -15.10
CA SER A 234 -5.27 6.52 -15.01
C SER A 234 -5.28 5.10 -15.56
N HIS A 235 -6.10 4.24 -14.96
CA HIS A 235 -6.25 2.85 -15.38
C HIS A 235 -7.56 2.77 -16.16
N SER A 236 -7.50 2.16 -17.34
CA SER A 236 -8.67 2.03 -18.19
C SER A 236 -9.13 0.60 -18.38
N VAL A 237 -10.38 0.32 -18.05
CA VAL A 237 -10.94 -1.01 -18.22
C VAL A 237 -12.12 -0.96 -19.21
N PHE A 238 -11.87 -1.45 -20.43
CA PHE A 238 -12.87 -1.50 -21.49
C PHE A 238 -13.42 -2.92 -21.53
N SER A 239 -14.70 -3.06 -21.20
CA SER A 239 -15.35 -4.37 -21.18
C SER A 239 -16.39 -4.55 -22.25
N VAL A 240 -16.38 -5.72 -22.89
CA VAL A 240 -17.35 -6.08 -23.92
C VAL A 240 -18.00 -7.38 -23.45
N THR A 241 -19.32 -7.36 -23.32
CA THR A 241 -20.04 -8.55 -22.85
C THR A 241 -20.91 -9.09 -23.96
N ILE A 242 -20.77 -10.39 -24.23
CA ILE A 242 -21.54 -11.03 -25.29
C ILE A 242 -22.54 -12.10 -24.82
N HIS A 243 -23.79 -11.88 -25.20
CA HIS A 243 -24.87 -12.80 -24.87
C HIS A 243 -25.23 -13.48 -26.20
N MET A 244 -24.99 -14.79 -26.24
CA MET A 244 -25.25 -15.55 -27.46
C MET A 244 -26.21 -16.71 -27.24
N LYS A 245 -27.03 -16.95 -28.26
CA LYS A 245 -27.99 -18.02 -28.25
C LYS A 245 -27.71 -18.71 -29.58
N GLU A 246 -26.74 -19.61 -29.58
CA GLU A 246 -26.39 -20.33 -30.79
C GLU A 246 -27.30 -21.52 -31.05
N THR A 247 -27.78 -21.59 -32.28
CA THR A 247 -28.64 -22.67 -32.70
C THR A 247 -27.86 -23.39 -33.80
N THR A 248 -27.47 -24.64 -33.55
CA THR A 248 -26.71 -25.40 -34.53
C THR A 248 -27.57 -25.72 -35.75
N ILE A 249 -26.94 -26.25 -36.80
CA ILE A 249 -27.63 -26.59 -38.04
C ILE A 249 -28.53 -27.80 -37.88
N ASP A 250 -28.27 -28.59 -36.84
CA ASP A 250 -29.05 -29.77 -36.53
C ASP A 250 -30.17 -29.26 -35.62
N GLY A 251 -29.94 -28.06 -35.10
CA GLY A 251 -30.90 -27.34 -34.23
C GLY A 251 -30.97 -27.51 -32.73
N GLU A 252 -29.85 -27.21 -32.07
N GLU A 252 -29.83 -27.27 -32.08
CA GLU A 252 -29.70 -27.36 -30.64
CA GLU A 252 -29.57 -27.35 -30.64
C GLU A 252 -29.51 -25.92 -30.11
C GLU A 252 -29.47 -25.91 -30.11
N GLU A 253 -29.94 -25.62 -28.92
CA GLU A 253 -29.72 -24.17 -28.54
C GLU A 253 -28.63 -24.07 -27.52
N LEU A 254 -27.64 -23.22 -27.74
CA LEU A 254 -26.52 -23.08 -26.78
C LEU A 254 -26.55 -21.64 -26.30
N VAL A 255 -26.80 -21.43 -25.02
CA VAL A 255 -26.84 -20.08 -24.47
C VAL A 255 -25.56 -19.82 -23.72
N LYS A 256 -24.73 -18.93 -24.27
CA LYS A 256 -23.46 -18.59 -23.68
C LYS A 256 -23.40 -17.12 -23.30
N ILE A 257 -22.45 -16.80 -22.43
CA ILE A 257 -22.22 -15.45 -21.98
C ILE A 257 -20.71 -15.29 -21.86
N GLY A 258 -20.14 -14.46 -22.73
CA GLY A 258 -18.70 -14.24 -22.68
C GLY A 258 -18.37 -12.80 -22.38
N LYS A 259 -17.36 -12.59 -21.54
CA LYS A 259 -16.93 -11.26 -21.19
C LYS A 259 -15.42 -11.10 -21.37
N LEU A 260 -15.02 -10.00 -22.01
CA LEU A 260 -13.61 -9.70 -22.22
C LEU A 260 -13.33 -8.34 -21.61
N ASN A 261 -12.23 -8.21 -20.88
CA ASN A 261 -11.85 -6.92 -20.29
C ASN A 261 -10.52 -6.55 -20.92
N LEU A 262 -10.43 -5.35 -21.48
CA LEU A 262 -9.18 -4.90 -22.08
C LEU A 262 -8.71 -3.75 -21.21
N VAL A 263 -7.64 -4.04 -20.48
CA VAL A 263 -7.10 -3.08 -19.54
C VAL A 263 -5.78 -2.43 -19.93
N ASP A 264 -5.82 -1.11 -19.94
CA ASP A 264 -4.67 -0.28 -20.28
C ASP A 264 -4.22 0.31 -18.93
N LEU A 265 -3.18 -0.26 -18.34
CA LEU A 265 -2.72 0.20 -17.04
C LEU A 265 -2.03 1.53 -17.08
N ALA A 266 -1.95 2.16 -15.92
CA ALA A 266 -1.26 3.45 -15.79
C ALA A 266 0.21 3.12 -15.92
N GLY A 267 0.98 4.02 -16.51
CA GLY A 267 2.40 3.79 -16.68
C GLY A 267 3.14 3.40 -15.40
N SER A 268 3.99 2.39 -15.55
CA SER A 268 4.81 1.80 -14.50
C SER A 268 6.00 2.61 -13.96
N GLU A 269 6.40 3.63 -14.72
CA GLU A 269 7.51 4.51 -14.40
C GLU A 269 7.43 5.04 -12.97
N ASN A 270 8.56 5.05 -12.27
CA ASN A 270 8.58 5.55 -10.89
C ASN A 270 9.63 6.64 -10.74
N ILE A 287 1.59 7.06 -4.23
CA ILE A 287 0.70 7.83 -5.10
C ILE A 287 -0.36 7.03 -5.88
N ASN A 288 0.01 6.04 -6.69
CA ASN A 288 -0.99 5.25 -7.43
C ASN A 288 -1.26 3.96 -6.65
N GLN A 289 -2.31 4.01 -5.85
CA GLN A 289 -2.68 2.88 -5.01
C GLN A 289 -2.98 1.59 -5.75
N SER A 290 -3.63 1.70 -6.91
CA SER A 290 -3.97 0.52 -7.68
C SER A 290 -2.77 -0.14 -8.35
N LEU A 291 -1.82 0.69 -8.81
CA LEU A 291 -0.62 0.16 -9.46
C LEU A 291 0.18 -0.62 -8.42
N LEU A 292 0.39 0.00 -7.26
CA LEU A 292 1.15 -0.59 -6.17
C LEU A 292 0.52 -1.88 -5.67
N THR A 293 -0.80 -1.89 -5.61
CA THR A 293 -1.49 -3.08 -5.12
C THR A 293 -1.32 -4.22 -6.13
N LEU A 294 -1.58 -3.95 -7.40
CA LEU A 294 -1.46 -4.96 -8.46
C LEU A 294 -0.14 -5.69 -8.32
N GLY A 295 0.93 -4.94 -8.08
CA GLY A 295 2.25 -5.53 -7.92
C GLY A 295 2.36 -6.40 -6.68
N ARG A 296 1.66 -5.99 -5.63
CA ARG A 296 1.67 -6.72 -4.37
C ARG A 296 0.78 -7.94 -4.44
N VAL A 297 -0.28 -7.85 -5.23
CA VAL A 297 -1.19 -8.98 -5.42
C VAL A 297 -0.43 -10.04 -6.21
N ILE A 298 0.23 -9.60 -7.28
CA ILE A 298 1.02 -10.48 -8.13
C ILE A 298 2.13 -11.17 -7.31
N THR A 299 2.74 -10.42 -6.39
CA THR A 299 3.79 -10.97 -5.52
C THR A 299 3.26 -12.10 -4.64
N ALA A 300 2.12 -11.85 -4.01
CA ALA A 300 1.50 -12.84 -3.12
C ALA A 300 1.15 -14.12 -3.86
N LEU A 301 0.57 -13.96 -5.05
CA LEU A 301 0.16 -15.10 -5.88
C LEU A 301 1.33 -15.98 -6.31
N VAL A 302 2.43 -15.36 -6.74
CA VAL A 302 3.61 -16.10 -7.17
C VAL A 302 4.40 -16.67 -5.99
N GLU A 303 4.29 -16.03 -4.82
CA GLU A 303 4.97 -16.51 -3.64
C GLU A 303 4.06 -17.42 -2.81
N ARG A 304 2.92 -17.77 -3.37
CA ARG A 304 1.95 -18.66 -2.72
C ARG A 304 1.60 -18.23 -1.31
N THR A 305 1.55 -16.93 -1.09
CA THR A 305 1.23 -16.36 0.21
C THR A 305 -0.28 -16.41 0.45
N PRO A 306 -0.72 -16.94 1.60
CA PRO A 306 -2.13 -17.08 1.99
C PRO A 306 -3.02 -15.88 1.70
N HIS A 307 -2.60 -14.70 2.18
CA HIS A 307 -3.37 -13.49 1.98
C HIS A 307 -2.94 -12.75 0.70
N VAL A 308 -3.92 -12.41 -0.12
CA VAL A 308 -3.69 -11.69 -1.35
C VAL A 308 -4.47 -10.41 -1.12
N PRO A 309 -3.77 -9.27 -1.08
CA PRO A 309 -4.30 -7.92 -0.87
C PRO A 309 -5.26 -7.31 -1.91
N TYR A 310 -6.06 -8.15 -2.57
CA TYR A 310 -7.00 -7.66 -3.59
C TYR A 310 -7.71 -6.38 -3.17
N ARG A 311 -8.30 -6.39 -1.97
CA ARG A 311 -9.08 -5.27 -1.46
C ARG A 311 -8.39 -3.94 -1.21
N GLU A 312 -7.06 -3.91 -1.24
CA GLU A 312 -6.33 -2.68 -0.97
C GLU A 312 -6.32 -1.66 -2.12
N SER A 313 -7.17 -1.86 -3.12
CA SER A 313 -7.26 -0.95 -4.26
C SER A 313 -8.47 -1.27 -5.15
N LYS A 314 -9.07 -0.24 -5.72
CA LYS A 314 -10.23 -0.43 -6.59
C LYS A 314 -9.90 -1.38 -7.74
N LEU A 315 -8.86 -1.07 -8.51
CA LEU A 315 -8.47 -1.91 -9.65
C LEU A 315 -8.44 -3.40 -9.34
N THR A 316 -7.77 -3.79 -8.25
CA THR A 316 -7.65 -5.20 -7.89
C THR A 316 -8.92 -5.85 -7.39
N ARG A 317 -9.85 -5.05 -6.88
CA ARG A 317 -11.11 -5.60 -6.39
C ARG A 317 -12.01 -5.85 -7.58
N ILE A 318 -11.99 -4.91 -8.51
CA ILE A 318 -12.78 -4.99 -9.72
C ILE A 318 -12.32 -6.25 -10.48
N LEU A 319 -11.02 -6.28 -10.76
CA LEU A 319 -10.41 -7.36 -11.52
C LEU A 319 -9.84 -8.50 -10.70
N GLN A 320 -10.41 -8.73 -9.51
CA GLN A 320 -9.98 -9.81 -8.63
C GLN A 320 -9.94 -11.21 -9.29
N ASP A 321 -10.96 -11.53 -10.08
CA ASP A 321 -11.04 -12.81 -10.75
C ASP A 321 -10.02 -12.98 -11.88
N SER A 322 -9.40 -11.89 -12.31
CA SER A 322 -8.39 -11.92 -13.37
C SER A 322 -7.00 -12.22 -12.80
N LEU A 323 -6.88 -12.24 -11.47
CA LEU A 323 -5.59 -12.51 -10.83
C LEU A 323 -5.71 -13.68 -9.86
N GLY A 324 -5.54 -14.89 -10.38
CA GLY A 324 -5.67 -16.07 -9.56
C GLY A 324 -7.15 -16.45 -9.51
N GLY A 325 -7.94 -15.89 -10.44
CA GLY A 325 -9.36 -16.18 -10.47
C GLY A 325 -9.77 -17.16 -11.54
N ARG A 326 -11.06 -17.21 -11.86
CA ARG A 326 -11.55 -18.14 -12.87
C ARG A 326 -11.54 -17.54 -14.28
N THR A 327 -10.70 -16.54 -14.52
CA THR A 327 -10.63 -15.89 -15.83
C THR A 327 -9.31 -16.14 -16.58
N ARG A 328 -9.33 -16.21 -17.91
CA ARG A 328 -8.10 -16.42 -18.66
C ARG A 328 -7.42 -15.08 -18.81
N THR A 329 -6.21 -14.96 -18.26
CA THR A 329 -5.51 -13.69 -18.29
C THR A 329 -4.23 -13.68 -19.12
N SER A 330 -4.02 -12.55 -19.80
CA SER A 330 -2.83 -12.33 -20.62
C SER A 330 -2.34 -10.94 -20.27
N ILE A 331 -1.02 -10.77 -20.24
CA ILE A 331 -0.43 -9.47 -19.98
C ILE A 331 0.49 -9.21 -21.14
N ILE A 332 0.31 -8.08 -21.80
CA ILE A 332 1.20 -7.73 -22.90
C ILE A 332 2.06 -6.63 -22.31
N ALA A 333 3.36 -6.90 -22.23
CA ALA A 333 4.29 -5.94 -21.66
C ALA A 333 4.99 -5.18 -22.79
N THR A 334 4.80 -3.87 -22.80
CA THR A 334 5.40 -3.00 -23.81
C THR A 334 6.69 -2.38 -23.28
N ILE A 335 7.67 -2.27 -24.16
CA ILE A 335 8.97 -1.71 -23.81
C ILE A 335 9.47 -0.80 -24.92
N SER A 336 10.48 0.00 -24.59
CA SER A 336 11.15 0.93 -25.51
C SER A 336 12.51 0.35 -25.90
N PRO A 337 13.04 0.74 -27.06
CA PRO A 337 14.34 0.22 -27.48
C PRO A 337 15.49 1.19 -27.19
N ALA A 338 15.15 2.40 -26.75
CA ALA A 338 16.14 3.43 -26.45
C ALA A 338 16.99 3.11 -25.23
N SER A 339 18.27 3.51 -25.28
CA SER A 339 19.17 3.30 -24.17
C SER A 339 18.82 4.23 -23.00
N LEU A 340 18.03 5.26 -23.30
CA LEU A 340 17.60 6.21 -22.28
C LEU A 340 16.63 5.55 -21.30
N ASN A 341 15.91 4.53 -21.77
CA ASN A 341 14.93 3.82 -20.92
C ASN A 341 15.42 2.47 -20.40
N LEU A 342 16.71 2.20 -20.52
CA LEU A 342 17.25 0.93 -20.05
C LEU A 342 16.67 0.54 -18.71
N GLU A 343 16.90 1.36 -17.69
CA GLU A 343 16.43 1.08 -16.33
C GLU A 343 14.94 0.75 -16.23
N GLU A 344 14.08 1.51 -16.89
CA GLU A 344 12.65 1.21 -16.86
C GLU A 344 12.31 -0.03 -17.70
N THR A 345 13.03 -0.23 -18.80
CA THR A 345 12.79 -1.39 -19.66
C THR A 345 12.99 -2.67 -18.85
N LEU A 346 14.07 -2.70 -18.07
CA LEU A 346 14.38 -3.87 -17.25
C LEU A 346 13.40 -4.08 -16.10
N SER A 347 12.90 -3.00 -15.50
CA SER A 347 11.94 -3.18 -14.42
C SER A 347 10.70 -3.86 -15.01
N THR A 348 10.27 -3.37 -16.18
CA THR A 348 9.10 -3.92 -16.85
C THR A 348 9.28 -5.42 -17.17
N LEU A 349 10.43 -5.79 -17.70
CA LEU A 349 10.67 -7.21 -18.00
C LEU A 349 10.67 -8.04 -16.73
N GLU A 350 11.46 -7.61 -15.75
CA GLU A 350 11.52 -8.31 -14.47
C GLU A 350 10.13 -8.50 -13.89
N TYR A 351 9.30 -7.47 -14.00
CA TYR A 351 7.94 -7.51 -13.50
C TYR A 351 7.08 -8.49 -14.28
N ALA A 352 7.11 -8.37 -15.61
CA ALA A 352 6.34 -9.25 -16.47
C ALA A 352 6.77 -10.70 -16.33
N HIS A 353 8.06 -10.91 -16.14
CA HIS A 353 8.60 -12.26 -15.98
C HIS A 353 8.12 -12.93 -14.68
N ARG A 354 7.85 -12.15 -13.65
CA ARG A 354 7.37 -12.70 -12.38
C ARG A 354 5.90 -13.08 -12.49
N ALA A 355 5.19 -12.42 -13.41
CA ALA A 355 3.77 -12.66 -13.62
C ALA A 355 3.49 -14.03 -14.20
N LYS A 356 4.40 -14.49 -15.03
CA LYS A 356 4.26 -15.80 -15.67
C LYS A 356 3.86 -16.94 -14.73
N ASN A 357 4.31 -16.87 -13.48
CA ASN A 357 4.04 -17.92 -12.52
C ASN A 357 2.69 -17.90 -11.82
N ILE A 358 1.82 -16.97 -12.20
CA ILE A 358 0.51 -16.87 -11.59
C ILE A 358 -0.43 -17.90 -12.22
N LEU A 359 -1.13 -18.65 -11.37
CA LEU A 359 -2.04 -19.70 -11.84
C LEU A 359 -3.55 -19.38 -11.75
N ASN A 360 -4.25 -19.59 -12.88
CA ASN A 360 -5.68 -19.31 -13.09
C ASN A 360 -6.51 -20.53 -13.54
N LYS A 361 -7.69 -20.63 -12.96
CA LYS A 361 -8.56 -21.75 -13.28
C LYS A 361 -9.88 -21.49 -13.99
N PRO A 362 -9.86 -21.26 -15.32
CA PRO A 362 -11.13 -21.01 -15.99
C PRO A 362 -11.97 -22.26 -16.37
N GLU A 363 -13.27 -22.02 -16.43
CA GLU A 363 -14.39 -22.91 -16.78
C GLU A 363 -15.59 -22.08 -16.33
N GLY B 15 24.63 4.28 10.46
CA GLY B 15 24.18 4.78 11.79
C GLY B 15 24.03 3.68 12.82
N LYS B 16 23.48 4.03 13.98
CA LYS B 16 23.28 3.08 15.07
C LYS B 16 21.86 2.54 15.14
N ASN B 17 21.76 1.26 15.46
CA ASN B 17 20.50 0.54 15.57
C ASN B 17 19.42 1.09 16.49
N ILE B 18 18.20 0.78 16.12
CA ILE B 18 17.01 1.14 16.87
C ILE B 18 16.94 0.17 18.06
N GLN B 19 16.53 0.65 19.24
CA GLN B 19 16.43 -0.21 20.41
C GLN B 19 15.07 -0.92 20.39
N VAL B 20 15.07 -2.23 20.55
CA VAL B 20 13.82 -3.02 20.59
C VAL B 20 13.75 -3.90 21.84
N VAL B 21 12.67 -3.76 22.59
CA VAL B 21 12.48 -4.56 23.79
C VAL B 21 11.12 -5.27 23.72
N VAL B 22 10.92 -6.26 24.59
CA VAL B 22 9.69 -7.03 24.62
C VAL B 22 9.15 -7.11 26.04
N ARG B 23 7.86 -6.85 26.17
CA ARG B 23 7.21 -6.92 27.46
C ARG B 23 5.96 -7.76 27.32
N CYS B 24 5.94 -8.84 28.09
CA CYS B 24 4.83 -9.77 28.14
C CYS B 24 3.90 -9.31 29.25
N ARG B 25 2.62 -9.57 29.12
CA ARG B 25 1.68 -9.16 30.17
C ARG B 25 1.30 -10.32 31.09
N PRO B 26 0.68 -10.02 32.24
CA PRO B 26 0.28 -11.09 33.15
C PRO B 26 -1.15 -11.56 32.84
N PHE B 27 -1.47 -12.82 33.15
CA PHE B 27 -2.81 -13.36 32.92
C PHE B 27 -3.83 -12.53 33.69
N ASN B 28 -5.07 -12.44 33.22
CA ASN B 28 -6.10 -11.68 33.93
C ASN B 28 -6.77 -12.62 34.95
N LEU B 29 -8.08 -12.51 35.20
CA LEU B 29 -8.73 -13.44 36.14
C LEU B 29 -9.32 -14.59 35.35
N ALA B 30 -9.91 -14.27 34.20
CA ALA B 30 -10.49 -15.28 33.32
C ALA B 30 -9.45 -16.37 33.07
N GLU B 31 -8.26 -15.97 32.63
CA GLU B 31 -7.17 -16.90 32.34
C GLU B 31 -6.66 -17.59 33.60
N ARG B 32 -6.46 -16.82 34.67
CA ARG B 32 -5.97 -17.36 35.92
C ARG B 32 -6.93 -18.38 36.49
N LYS B 33 -8.22 -18.03 36.48
CA LYS B 33 -9.27 -18.91 36.99
C LYS B 33 -9.35 -20.16 36.12
N ALA B 34 -8.71 -20.11 34.95
CA ALA B 34 -8.70 -21.25 34.02
C ALA B 34 -7.35 -21.97 34.26
N SER B 35 -6.57 -21.50 35.24
CA SER B 35 -5.35 -22.13 35.66
C SER B 35 -4.42 -22.35 34.51
N ALA B 36 -4.49 -21.23 33.79
CA ALA B 36 -3.72 -21.11 32.56
C ALA B 36 -2.21 -21.05 32.97
N HIS B 37 -1.53 -21.70 32.08
CA HIS B 37 -0.19 -22.12 31.70
C HIS B 37 0.41 -21.16 30.66
N SER B 38 1.49 -20.50 31.06
CA SER B 38 2.18 -19.57 30.19
C SER B 38 3.01 -20.20 29.09
N ILE B 39 2.78 -19.70 27.89
CA ILE B 39 3.46 -20.20 26.72
C ILE B 39 4.70 -19.34 26.39
N VAL B 40 5.01 -18.39 27.29
CA VAL B 40 6.16 -17.51 27.11
C VAL B 40 7.15 -17.48 28.28
N GLU B 41 8.43 -17.42 27.94
CA GLU B 41 9.49 -17.39 28.93
C GLU B 41 10.43 -16.22 28.63
N CYS B 42 10.77 -15.41 29.63
CA CYS B 42 11.64 -14.25 29.42
C CYS B 42 12.88 -14.26 30.33
N ASP B 43 14.06 -14.18 29.72
CA ASP B 43 15.31 -14.14 30.48
C ASP B 43 15.96 -12.78 30.35
N PRO B 44 15.99 -12.02 31.44
CA PRO B 44 16.59 -10.68 31.44
C PRO B 44 18.07 -10.68 31.10
N VAL B 45 18.85 -11.47 31.85
CA VAL B 45 20.30 -11.54 31.65
C VAL B 45 20.68 -11.91 30.22
N ARG B 46 19.97 -12.89 29.70
CA ARG B 46 20.18 -13.38 28.36
C ARG B 46 19.44 -12.51 27.37
N LYS B 47 18.51 -11.71 27.89
CA LYS B 47 17.72 -10.79 27.08
C LYS B 47 17.01 -11.56 25.97
N GLU B 48 16.52 -12.74 26.32
CA GLU B 48 15.83 -13.58 25.34
C GLU B 48 14.40 -13.84 25.72
N VAL B 49 13.60 -14.13 24.70
CA VAL B 49 12.21 -14.46 24.87
C VAL B 49 12.06 -15.82 24.15
N SER B 50 11.50 -16.81 24.82
CA SER B 50 11.30 -18.12 24.22
C SER B 50 9.82 -18.42 24.22
N VAL B 51 9.34 -18.92 23.09
CA VAL B 51 7.94 -19.23 22.90
C VAL B 51 7.71 -20.70 22.51
N ARG B 52 6.87 -21.40 23.27
CA ARG B 52 6.53 -22.81 23.00
C ARG B 52 5.52 -22.94 21.86
N THR B 53 6.00 -23.36 20.70
CA THR B 53 5.16 -23.48 19.52
C THR B 53 4.45 -24.80 19.33
N GLY B 54 4.64 -25.74 20.25
CA GLY B 54 3.98 -27.01 20.11
C GLY B 54 4.53 -28.07 21.05
N GLY B 55 3.81 -29.20 21.14
CA GLY B 55 4.22 -30.28 22.02
C GLY B 55 3.80 -29.96 23.43
N LEU B 56 4.35 -30.68 24.42
CA LEU B 56 4.01 -30.43 25.81
C LEU B 56 5.27 -29.96 26.55
N ALA B 57 5.19 -29.82 27.88
CA ALA B 57 6.34 -29.38 28.65
C ALA B 57 7.39 -30.50 28.72
N ASP B 58 6.94 -31.74 28.66
CA ASP B 58 7.84 -32.90 28.73
C ASP B 58 8.69 -33.08 27.48
N LYS B 59 8.15 -32.62 26.36
CA LYS B 59 8.76 -32.73 25.04
C LYS B 59 8.15 -31.57 24.25
N SER B 60 8.94 -30.66 23.69
CA SER B 60 8.35 -29.55 22.92
C SER B 60 9.31 -28.80 22.01
N SER B 61 8.75 -27.89 21.23
CA SER B 61 9.47 -27.04 20.28
C SER B 61 9.30 -25.59 20.75
N ARG B 62 10.28 -24.75 20.43
CA ARG B 62 10.20 -23.35 20.83
C ARG B 62 10.94 -22.43 19.86
N LYS B 63 10.52 -21.17 19.79
CA LYS B 63 11.21 -20.19 18.96
C LYS B 63 11.79 -19.17 19.97
N THR B 64 13.10 -18.94 19.91
CA THR B 64 13.70 -17.99 20.83
C THR B 64 14.24 -16.81 20.04
N TYR B 65 14.19 -15.64 20.63
CA TYR B 65 14.65 -14.43 19.97
C TYR B 65 15.38 -13.59 21.00
N THR B 66 16.38 -12.83 20.55
CA THR B 66 17.11 -11.96 21.46
C THR B 66 16.84 -10.52 21.05
N PHE B 67 16.56 -9.68 22.05
CA PHE B 67 16.32 -8.27 21.85
C PHE B 67 17.24 -7.56 22.84
N ASP B 68 17.25 -6.23 22.82
CA ASP B 68 18.10 -5.45 23.71
C ASP B 68 17.70 -5.54 25.18
N MET B 69 16.42 -5.77 25.45
CA MET B 69 15.90 -5.91 26.81
C MET B 69 14.65 -6.78 26.73
N VAL B 70 14.31 -7.41 27.84
CA VAL B 70 13.14 -8.28 27.91
C VAL B 70 12.44 -8.14 29.26
N PHE B 71 11.16 -7.79 29.23
CA PHE B 71 10.38 -7.60 30.44
C PHE B 71 9.27 -8.65 30.58
N GLY B 72 9.40 -9.49 31.59
CA GLY B 72 8.39 -10.52 31.80
C GLY B 72 7.14 -9.94 32.45
N ALA B 73 6.10 -10.77 32.60
CA ALA B 73 4.83 -10.39 33.17
C ALA B 73 4.85 -9.75 34.57
N SER B 74 5.91 -10.08 35.30
CA SER B 74 6.11 -9.57 36.65
C SER B 74 6.64 -8.11 36.62
N THR B 75 7.19 -7.73 35.48
CA THR B 75 7.76 -6.37 35.32
C THR B 75 6.76 -5.24 35.70
N LYS B 76 7.20 -4.30 36.53
CA LYS B 76 6.33 -3.18 36.95
C LYS B 76 6.56 -1.91 36.10
N GLN B 77 5.61 -0.98 36.14
CA GLN B 77 5.72 0.23 35.35
C GLN B 77 7.04 0.98 35.55
N ILE B 78 7.33 1.27 36.81
CA ILE B 78 8.54 1.99 37.17
C ILE B 78 9.80 1.33 36.62
N ASP B 79 9.79 0.01 36.52
CA ASP B 79 10.97 -0.69 36.01
C ASP B 79 11.13 -0.63 34.50
N VAL B 80 10.05 -0.25 33.82
CA VAL B 80 10.08 -0.10 32.38
C VAL B 80 10.56 1.31 32.18
N TYR B 81 10.19 2.17 33.11
CA TYR B 81 10.56 3.56 33.00
C TYR B 81 12.02 3.82 33.33
N ARG B 82 12.53 3.16 34.36
CA ARG B 82 13.91 3.37 34.71
C ARG B 82 14.87 2.80 33.68
N SER B 83 14.53 1.62 33.16
CA SER B 83 15.36 0.96 32.17
C SER B 83 15.27 1.54 30.78
N VAL B 84 14.06 1.80 30.32
CA VAL B 84 13.88 2.29 28.96
C VAL B 84 13.81 3.79 28.83
N VAL B 85 12.86 4.38 29.53
CA VAL B 85 12.63 5.81 29.41
C VAL B 85 13.64 6.76 30.01
N CYS B 86 14.03 6.50 31.25
CA CYS B 86 14.98 7.38 31.92
C CYS B 86 16.10 7.86 30.98
N PRO B 87 16.84 6.93 30.36
CA PRO B 87 17.95 7.24 29.43
C PRO B 87 17.49 8.06 28.22
N ILE B 88 16.28 7.78 27.75
CA ILE B 88 15.69 8.46 26.58
C ILE B 88 15.38 9.93 26.92
N LEU B 89 14.70 10.16 28.03
CA LEU B 89 14.38 11.51 28.44
C LEU B 89 15.68 12.27 28.60
N ASP B 90 16.72 11.56 28.99
CA ASP B 90 18.01 12.19 29.18
C ASP B 90 18.54 12.74 27.88
N GLU B 91 18.29 12.03 26.78
CA GLU B 91 18.75 12.49 25.48
C GLU B 91 17.89 13.63 24.98
N VAL B 92 16.61 13.58 25.30
CA VAL B 92 15.71 14.64 24.88
C VAL B 92 16.22 15.94 25.48
N ILE B 93 16.43 15.95 26.79
CA ILE B 93 16.93 17.13 27.50
C ILE B 93 18.25 17.66 26.93
N MET B 94 19.04 16.79 26.32
CA MET B 94 20.30 17.23 25.72
C MET B 94 20.09 17.89 24.34
N GLY B 95 18.85 17.92 23.87
CA GLY B 95 18.59 18.55 22.59
C GLY B 95 18.36 17.60 21.43
N TYR B 96 18.15 16.32 21.74
CA TYR B 96 17.92 15.30 20.73
C TYR B 96 16.43 15.01 20.58
N ASN B 97 16.08 14.38 19.47
CA ASN B 97 14.72 13.98 19.17
C ASN B 97 14.68 12.48 19.48
N CYS B 98 13.64 12.02 20.17
CA CYS B 98 13.53 10.59 20.48
C CYS B 98 12.09 10.15 20.28
N THR B 99 11.93 8.86 20.02
CA THR B 99 10.61 8.27 19.79
C THR B 99 10.59 6.83 20.33
N ILE B 100 9.49 6.49 21.03
CA ILE B 100 9.29 5.12 21.54
C ILE B 100 7.93 4.62 20.97
N PHE B 101 7.92 3.44 20.34
CA PHE B 101 6.67 2.88 19.81
C PHE B 101 6.21 1.72 20.67
N ALA B 102 4.92 1.41 20.58
CA ALA B 102 4.33 0.28 21.28
C ALA B 102 3.74 -0.60 20.16
N TYR B 103 4.20 -1.83 20.04
CA TYR B 103 3.74 -2.73 19.00
C TYR B 103 3.29 -4.09 19.52
N GLY B 104 2.15 -4.57 19.02
CA GLY B 104 1.63 -5.85 19.44
C GLY B 104 0.13 -5.86 19.26
N GLN B 105 -0.47 -7.04 19.39
CA GLN B 105 -1.91 -7.20 19.22
C GLN B 105 -2.76 -6.66 20.33
N THR B 106 -3.96 -6.21 19.97
CA THR B 106 -4.91 -5.68 20.91
C THR B 106 -4.94 -6.55 22.17
N GLY B 107 -4.95 -5.90 23.33
CA GLY B 107 -5.01 -6.61 24.59
C GLY B 107 -3.69 -7.14 25.10
N THR B 108 -2.59 -6.58 24.64
CA THR B 108 -1.28 -7.04 25.07
C THR B 108 -0.51 -6.06 25.96
N GLY B 109 -1.09 -4.88 26.20
CA GLY B 109 -0.42 -3.90 27.05
C GLY B 109 0.25 -2.75 26.33
N LYS B 110 -0.26 -2.37 25.18
CA LYS B 110 0.26 -1.27 24.40
C LYS B 110 -0.11 0.03 25.16
N THR B 111 -1.41 0.21 25.44
CA THR B 111 -1.90 1.41 26.15
C THR B 111 -1.56 1.44 27.63
N PHE B 112 -1.46 0.27 28.22
CA PHE B 112 -1.13 0.17 29.62
C PHE B 112 0.28 0.66 29.80
N THR B 113 1.15 0.27 28.87
CA THR B 113 2.53 0.68 28.93
C THR B 113 2.72 2.17 28.70
N MET B 114 2.26 2.63 27.56
CA MET B 114 2.41 4.05 27.21
C MET B 114 1.71 4.96 28.19
N GLU B 115 0.47 4.64 28.55
CA GLU B 115 -0.30 5.48 29.47
C GLU B 115 -0.47 4.88 30.85
N GLY B 116 -0.95 3.65 30.90
CA GLY B 116 -1.16 3.01 32.19
C GLY B 116 -2.51 3.42 32.72
N GLU B 117 -2.90 2.84 33.85
CA GLU B 117 -4.19 3.15 34.45
C GLU B 117 -4.05 3.67 35.89
N ARG B 118 -5.15 3.79 36.60
CA ARG B 118 -5.08 4.27 37.98
C ARG B 118 -5.37 3.13 38.93
N SER B 119 -4.58 3.04 40.00
CA SER B 119 -4.76 2.00 41.01
C SER B 119 -6.13 2.25 41.61
N PRO B 120 -6.96 1.21 41.67
CA PRO B 120 -8.33 1.22 42.19
C PRO B 120 -8.60 1.77 43.60
N ASN B 121 -9.80 2.33 43.77
CA ASN B 121 -10.26 2.88 45.03
C ASN B 121 -9.55 4.14 45.48
N GLU B 122 -8.96 4.87 44.55
CA GLU B 122 -8.28 6.12 44.88
C GLU B 122 -7.20 5.87 45.93
N GLU B 123 -6.36 4.87 45.70
CA GLU B 123 -5.30 4.56 46.65
C GLU B 123 -4.17 5.56 46.58
N TYR B 124 -3.83 6.01 45.37
CA TYR B 124 -2.74 6.98 45.19
C TYR B 124 -3.15 8.21 44.36
N THR B 125 -2.35 9.28 44.43
CA THR B 125 -2.62 10.45 43.60
C THR B 125 -1.97 10.02 42.29
N TRP B 126 -2.20 10.77 41.23
CA TRP B 126 -1.63 10.36 39.97
C TRP B 126 -0.11 10.34 40.01
N GLU B 127 0.49 11.26 40.76
CA GLU B 127 1.94 11.30 40.79
C GLU B 127 2.64 10.23 41.59
N GLU B 128 1.89 9.37 42.28
CA GLU B 128 2.51 8.31 43.06
C GLU B 128 2.02 6.93 42.64
N ASP B 129 0.97 6.91 41.83
CA ASP B 129 0.36 5.69 41.34
C ASP B 129 1.35 4.74 40.65
N PRO B 130 1.43 3.49 41.13
CA PRO B 130 2.33 2.48 40.56
C PRO B 130 1.91 1.88 39.21
N LEU B 131 0.68 2.15 38.77
CA LEU B 131 0.18 1.66 37.49
C LEU B 131 0.37 2.69 36.37
N ALA B 132 0.87 3.87 36.72
CA ALA B 132 1.10 4.93 35.74
C ALA B 132 2.09 4.55 34.63
N GLY B 133 1.72 4.87 33.40
CA GLY B 133 2.54 4.58 32.24
C GLY B 133 3.62 5.61 31.94
N ILE B 134 4.25 5.44 30.78
CA ILE B 134 5.34 6.31 30.39
C ILE B 134 4.96 7.79 30.27
N ILE B 135 3.83 8.08 29.63
CA ILE B 135 3.46 9.48 29.44
C ILE B 135 3.33 10.29 30.71
N PRO B 136 2.59 9.80 31.71
CA PRO B 136 2.55 10.68 32.88
C PRO B 136 3.90 10.76 33.58
N ARG B 137 4.52 9.61 33.80
CA ARG B 137 5.81 9.59 34.48
C ARG B 137 6.84 10.50 33.81
N THR B 138 6.85 10.55 32.49
CA THR B 138 7.82 11.38 31.77
C THR B 138 7.59 12.87 32.02
N LEU B 139 6.33 13.29 31.97
CA LEU B 139 5.98 14.67 32.19
C LEU B 139 6.30 15.08 33.61
N HIS B 140 6.01 14.20 34.57
CA HIS B 140 6.29 14.52 35.95
C HIS B 140 7.82 14.69 36.14
N GLN B 141 8.60 13.78 35.58
CA GLN B 141 10.06 13.82 35.70
C GLN B 141 10.73 15.03 35.07
N ILE B 142 10.22 15.46 33.92
CA ILE B 142 10.77 16.62 33.23
C ILE B 142 10.96 17.80 34.18
N PHE B 143 9.93 18.09 34.97
CA PHE B 143 9.97 19.20 35.92
C PHE B 143 10.86 18.94 37.12
N GLU B 144 11.08 17.66 37.40
CA GLU B 144 11.88 17.24 38.52
C GLU B 144 13.37 17.33 38.17
N LYS B 145 13.71 16.93 36.94
CA LYS B 145 15.10 16.97 36.49
C LYS B 145 15.60 18.41 36.28
N LEU B 146 14.72 19.29 35.81
CA LEU B 146 15.06 20.69 35.53
C LEU B 146 14.58 21.66 36.63
N THR B 147 14.31 21.13 37.82
CA THR B 147 13.81 21.95 38.94
C THR B 147 14.65 23.22 39.20
N ASP B 148 15.96 23.06 39.31
CA ASP B 148 16.88 24.18 39.49
C ASP B 148 18.29 23.84 39.00
N ASN B 149 18.45 23.44 37.74
CA ASN B 149 19.78 23.13 37.25
C ASN B 149 20.38 24.33 36.52
N GLY B 150 19.63 25.42 36.44
CA GLY B 150 20.09 26.63 35.79
C GLY B 150 19.51 26.83 34.41
N THR B 151 18.92 25.77 33.87
CA THR B 151 18.33 25.78 32.52
C THR B 151 16.87 26.24 32.51
N GLU B 152 16.57 27.34 31.81
CA GLU B 152 15.18 27.81 31.71
C GLU B 152 14.51 26.96 30.64
N PHE B 153 13.27 26.56 30.88
CA PHE B 153 12.57 25.71 29.91
C PHE B 153 11.06 25.93 29.85
N SER B 154 10.47 25.39 28.79
CA SER B 154 9.02 25.46 28.59
C SER B 154 8.63 24.09 28.07
N VAL B 155 7.45 23.62 28.44
CA VAL B 155 7.00 22.32 27.98
C VAL B 155 5.66 22.40 27.29
N LYS B 156 5.59 21.87 26.08
CA LYS B 156 4.35 21.83 25.29
C LYS B 156 4.04 20.38 24.98
N VAL B 157 2.75 20.02 24.98
CA VAL B 157 2.34 18.66 24.67
C VAL B 157 1.29 18.69 23.59
N SER B 158 1.18 17.58 22.86
CA SER B 158 0.23 17.40 21.76
C SER B 158 -0.24 15.97 21.68
N LEU B 159 -1.49 15.80 21.28
CA LEU B 159 -2.05 14.49 21.12
C LEU B 159 -2.77 14.40 19.78
N LEU B 160 -2.11 13.79 18.80
CA LEU B 160 -2.65 13.60 17.45
C LEU B 160 -2.99 12.13 17.25
N GLU B 161 -4.16 11.84 16.70
CA GLU B 161 -4.56 10.46 16.48
C GLU B 161 -4.86 10.23 15.02
N ILE B 162 -4.59 9.02 14.56
CA ILE B 162 -4.82 8.66 13.17
C ILE B 162 -5.79 7.51 13.06
N TYR B 163 -6.96 7.80 12.52
CA TYR B 163 -7.99 6.79 12.33
C TYR B 163 -8.49 6.83 10.87
N ASN B 164 -8.35 5.71 10.17
CA ASN B 164 -8.80 5.63 8.78
C ASN B 164 -8.13 6.71 7.96
N GLU B 165 -6.84 6.91 8.19
CA GLU B 165 -6.07 7.94 7.50
C GLU B 165 -6.58 9.38 7.67
N GLU B 166 -7.34 9.61 8.73
CA GLU B 166 -7.85 10.94 9.06
C GLU B 166 -7.09 11.31 10.33
N LEU B 167 -6.91 12.59 10.60
CA LEU B 167 -6.19 12.98 11.80
C LEU B 167 -7.12 13.63 12.80
N PHE B 168 -6.84 13.46 14.08
CA PHE B 168 -7.69 14.09 15.07
C PHE B 168 -6.89 14.67 16.20
N ASP B 169 -7.34 15.83 16.68
CA ASP B 169 -6.67 16.49 17.78
C ASP B 169 -7.48 16.16 19.02
N LEU B 170 -6.84 15.48 19.97
CA LEU B 170 -7.53 15.10 21.19
C LEU B 170 -7.28 16.05 22.35
N LEU B 171 -6.65 17.20 22.10
CA LEU B 171 -6.42 18.15 23.20
C LEU B 171 -7.00 19.52 22.92
N ASN B 172 -7.77 19.62 21.84
CA ASN B 172 -8.41 20.87 21.47
C ASN B 172 -9.83 20.83 22.05
N PRO B 173 -10.04 21.48 23.22
CA PRO B 173 -11.34 21.55 23.92
C PRO B 173 -12.34 22.10 22.91
N SER B 174 -11.79 23.04 22.17
CA SER B 174 -12.42 23.84 21.14
C SER B 174 -12.95 23.22 19.85
N SER B 175 -12.81 21.93 19.65
CA SER B 175 -13.36 21.41 18.42
C SER B 175 -13.89 20.03 18.67
N ASP B 176 -14.85 19.62 17.88
CA ASP B 176 -15.38 18.29 18.06
C ASP B 176 -14.39 17.35 17.36
N VAL B 177 -14.25 16.16 17.93
CA VAL B 177 -13.37 15.07 17.50
C VAL B 177 -13.69 14.60 16.09
N SER B 178 -14.63 15.38 15.60
CA SER B 178 -15.24 15.26 14.34
C SER B 178 -14.52 16.20 13.39
N GLU B 179 -13.65 17.04 13.92
CA GLU B 179 -13.04 17.87 12.90
C GLU B 179 -11.69 17.30 12.61
N ARG B 180 -11.44 17.07 11.34
CA ARG B 180 -10.20 16.45 10.94
C ARG B 180 -9.20 17.53 10.60
N LEU B 181 -7.91 17.26 10.82
CA LEU B 181 -6.89 18.24 10.54
C LEU B 181 -6.33 17.91 9.17
N GLN B 182 -5.65 18.89 8.58
CA GLN B 182 -5.05 18.75 7.26
C GLN B 182 -3.54 18.87 7.45
N MET B 183 -2.77 17.99 6.83
CA MET B 183 -1.33 18.12 6.96
C MET B 183 -0.70 18.51 5.63
N PHE B 184 0.41 19.22 5.70
CA PHE B 184 1.11 19.66 4.51
C PHE B 184 2.61 19.41 4.64
N ASP B 185 3.31 19.30 3.52
CA ASP B 185 4.75 19.12 3.59
C ASP B 185 5.29 20.41 4.17
N ASP B 186 6.35 20.33 4.95
CA ASP B 186 6.90 21.55 5.53
C ASP B 186 7.95 22.21 4.64
N PRO B 187 7.64 23.41 4.14
CA PRO B 187 8.54 24.19 3.28
C PRO B 187 9.87 24.48 3.96
N ARG B 188 9.84 24.59 5.28
CA ARG B 188 11.04 24.85 6.05
C ARG B 188 12.03 23.71 5.86
N ASN B 189 11.65 22.52 6.30
CA ASN B 189 12.56 21.38 6.16
C ASN B 189 12.47 20.58 4.88
N LYS B 190 12.97 19.35 4.94
CA LYS B 190 12.98 18.48 3.78
C LYS B 190 12.06 17.28 3.97
N ARG B 191 12.20 16.64 5.12
CA ARG B 191 11.40 15.47 5.43
C ARG B 191 10.46 15.79 6.58
N GLY B 192 9.92 17.01 6.57
CA GLY B 192 9.01 17.45 7.62
C GLY B 192 7.56 17.63 7.20
N VAL B 193 6.69 17.72 8.20
CA VAL B 193 5.25 17.88 7.98
C VAL B 193 4.66 18.94 8.92
N ILE B 194 3.67 19.67 8.40
CA ILE B 194 2.99 20.70 9.17
C ILE B 194 1.52 20.29 9.29
N ILE B 195 1.06 20.14 10.52
CA ILE B 195 -0.31 19.73 10.78
C ILE B 195 -1.18 20.92 11.16
N LYS B 196 -1.82 21.52 10.15
CA LYS B 196 -2.66 22.68 10.36
C LYS B 196 -3.73 22.52 11.43
N GLY B 197 -3.68 23.40 12.42
CA GLY B 197 -4.65 23.38 13.51
C GLY B 197 -4.38 22.59 14.78
N LEU B 198 -3.41 21.68 14.76
CA LEU B 198 -3.11 20.88 15.95
C LEU B 198 -2.74 21.80 17.13
N GLU B 199 -3.38 21.57 18.27
CA GLU B 199 -3.11 22.39 19.45
C GLU B 199 -1.84 21.99 20.17
N GLU B 200 -1.19 22.97 20.77
CA GLU B 200 0.02 22.73 21.53
C GLU B 200 -0.18 23.32 22.92
N ILE B 201 -0.54 22.48 23.87
CA ILE B 201 -0.78 22.96 25.22
C ILE B 201 0.49 23.10 26.06
N THR B 202 0.63 24.27 26.67
CA THR B 202 1.77 24.58 27.50
C THR B 202 1.56 24.07 28.91
N VAL B 203 2.51 23.27 29.39
CA VAL B 203 2.42 22.77 30.76
C VAL B 203 3.39 23.63 31.58
N HIS B 204 2.83 24.48 32.44
CA HIS B 204 3.61 25.38 33.27
C HIS B 204 4.23 24.78 34.51
N ASN B 205 3.69 23.66 34.96
CA ASN B 205 4.22 23.03 36.16
C ASN B 205 3.65 21.63 36.25
N LYS B 206 4.24 20.79 37.09
CA LYS B 206 3.77 19.42 37.24
C LYS B 206 2.31 19.41 37.68
N ASP B 207 1.85 20.54 38.21
CA ASP B 207 0.48 20.63 38.69
C ASP B 207 -0.58 20.90 37.62
N GLU B 208 -0.15 21.02 36.37
CA GLU B 208 -1.11 21.23 35.28
C GLU B 208 -1.20 19.96 34.44
N VAL B 209 -0.37 18.98 34.80
CA VAL B 209 -0.32 17.72 34.07
C VAL B 209 -1.55 16.83 34.06
N TYR B 210 -1.96 16.32 35.22
CA TYR B 210 -3.09 15.40 35.26
C TYR B 210 -4.36 15.91 34.57
N GLN B 211 -4.74 17.16 34.82
CA GLN B 211 -5.95 17.70 34.22
C GLN B 211 -5.90 17.71 32.69
N ILE B 212 -4.72 17.99 32.13
CA ILE B 212 -4.53 18.02 30.69
C ILE B 212 -4.66 16.61 30.11
N LEU B 213 -4.23 15.60 30.85
CA LEU B 213 -4.35 14.25 30.34
C LEU B 213 -5.80 13.78 30.40
N GLU B 214 -6.54 14.14 31.45
CA GLU B 214 -7.94 13.72 31.58
C GLU B 214 -8.80 14.24 30.43
N LYS B 215 -8.47 15.46 29.98
CA LYS B 215 -9.15 16.15 28.90
C LYS B 215 -9.00 15.36 27.61
N GLY B 216 -7.82 14.80 27.40
CA GLY B 216 -7.58 14.01 26.21
C GLY B 216 -8.41 12.76 26.35
N ALA B 217 -8.39 12.17 27.54
CA ALA B 217 -9.14 10.96 27.83
C ALA B 217 -10.62 11.14 27.59
N ALA B 218 -11.19 12.22 28.16
CA ALA B 218 -12.61 12.51 27.99
C ALA B 218 -12.97 12.39 26.53
N LYS B 219 -12.34 13.25 25.77
CA LYS B 219 -12.48 13.34 24.33
C LYS B 219 -12.51 11.98 23.68
N ARG B 220 -11.39 11.30 23.84
CA ARG B 220 -11.16 9.99 23.31
C ARG B 220 -12.42 9.14 23.45
N THR B 221 -13.10 9.29 24.59
CA THR B 221 -14.34 8.53 24.85
C THR B 221 -15.38 8.87 23.81
N THR B 222 -15.37 10.13 23.38
CA THR B 222 -16.27 10.63 22.35
C THR B 222 -15.89 9.96 21.05
N ALA B 223 -14.61 10.04 20.73
CA ALA B 223 -14.05 9.45 19.54
C ALA B 223 -14.58 8.03 19.40
N ALA B 224 -14.40 7.24 20.45
CA ALA B 224 -14.83 5.84 20.49
C ALA B 224 -16.31 5.66 20.21
N THR B 225 -17.11 6.64 20.64
CA THR B 225 -18.55 6.57 20.42
C THR B 225 -18.87 6.77 18.95
N LEU B 226 -18.08 7.61 18.28
CA LEU B 226 -18.30 7.96 16.88
C LEU B 226 -17.64 7.07 15.84
N MET B 227 -16.57 6.39 16.23
CA MET B 227 -15.85 5.55 15.29
C MET B 227 -15.72 4.10 15.73
N ASN B 228 -15.92 3.18 14.78
CA ASN B 228 -15.84 1.76 15.05
C ASN B 228 -14.47 1.28 15.51
N ALA B 229 -14.45 0.53 16.60
CA ALA B 229 -13.22 -0.02 17.16
C ALA B 229 -12.11 0.99 17.26
N TYR B 230 -12.46 2.24 17.57
CA TYR B 230 -11.46 3.29 17.67
C TYR B 230 -10.20 3.01 18.51
N SER B 231 -10.37 2.51 19.73
CA SER B 231 -9.19 2.29 20.58
C SER B 231 -8.24 1.23 20.06
N SER B 232 -8.71 0.36 19.18
CA SER B 232 -7.85 -0.68 18.64
C SER B 232 -7.33 -0.36 17.25
N ARG B 233 -8.04 0.49 16.51
CA ARG B 233 -7.62 0.84 15.15
C ARG B 233 -6.97 2.17 14.94
N SER B 234 -6.90 2.99 15.99
CA SER B 234 -6.29 4.30 15.86
C SER B 234 -4.85 4.31 16.31
N HIS B 235 -4.07 5.20 15.69
CA HIS B 235 -2.67 5.35 16.04
C HIS B 235 -2.67 6.63 16.88
N SER B 236 -2.03 6.57 18.03
CA SER B 236 -1.96 7.69 18.95
C SER B 236 -0.54 8.26 19.02
N VAL B 237 -0.39 9.55 18.79
CA VAL B 237 0.94 10.15 18.86
C VAL B 237 0.96 11.31 19.86
N PHE B 238 1.52 11.05 21.04
CA PHE B 238 1.61 12.05 22.09
C PHE B 238 3.01 12.64 22.08
N SER B 239 3.12 13.90 21.66
CA SER B 239 4.40 14.59 21.60
C SER B 239 4.60 15.54 22.78
N VAL B 240 5.84 15.62 23.24
CA VAL B 240 6.21 16.53 24.32
C VAL B 240 7.47 17.27 23.84
N THR B 241 7.38 18.59 23.74
CA THR B 241 8.49 19.41 23.28
C THR B 241 9.03 20.29 24.39
N ILE B 242 10.34 20.23 24.62
CA ILE B 242 10.96 21.04 25.66
C ILE B 242 11.93 22.04 25.07
N HIS B 243 11.70 23.32 25.34
CA HIS B 243 12.58 24.40 24.86
C HIS B 243 13.46 24.82 26.03
N MET B 244 14.78 24.73 25.85
CA MET B 244 15.69 25.06 26.94
C MET B 244 16.66 26.21 26.65
N LYS B 245 16.90 27.00 27.69
CA LYS B 245 17.81 28.13 27.59
C LYS B 245 18.76 28.07 28.77
N GLU B 246 20.05 28.17 28.48
CA GLU B 246 21.04 28.19 29.55
C GLU B 246 21.85 29.42 29.33
N THR B 247 22.39 29.93 30.41
CA THR B 247 23.19 31.11 30.35
C THR B 247 24.54 30.76 30.94
N THR B 248 25.60 31.05 30.21
CA THR B 248 26.94 30.76 30.67
C THR B 248 27.41 31.83 31.64
N ILE B 249 28.65 31.67 32.12
CA ILE B 249 29.23 32.60 33.08
C ILE B 249 29.72 33.89 32.37
N ASP B 250 29.37 34.00 31.09
CA ASP B 250 29.71 35.16 30.27
C ASP B 250 28.43 35.81 29.73
N GLY B 251 27.30 35.48 30.35
CA GLY B 251 26.01 36.05 29.96
C GLY B 251 25.39 35.56 28.66
N GLU B 252 26.09 34.66 27.97
CA GLU B 252 25.62 34.13 26.69
C GLU B 252 24.65 32.96 26.83
N GLU B 253 23.59 32.98 26.03
CA GLU B 253 22.56 31.93 26.07
C GLU B 253 22.81 30.74 25.15
N LEU B 254 22.53 29.55 25.68
CA LEU B 254 22.67 28.32 24.94
C LEU B 254 21.27 27.74 24.88
N VAL B 255 20.74 27.65 23.67
CA VAL B 255 19.39 27.13 23.47
C VAL B 255 19.42 25.73 22.87
N LYS B 256 18.42 24.94 23.24
CA LYS B 256 18.29 23.59 22.73
C LYS B 256 16.85 23.15 22.85
N ILE B 257 16.41 22.42 21.84
CA ILE B 257 15.04 21.95 21.77
C ILE B 257 14.98 20.42 21.74
N GLY B 258 14.30 19.85 22.70
CA GLY B 258 14.17 18.41 22.72
C GLY B 258 12.73 17.99 22.48
N LYS B 259 12.54 16.97 21.65
CA LYS B 259 11.20 16.48 21.36
C LYS B 259 11.13 14.96 21.58
N LEU B 260 10.01 14.52 22.15
CA LEU B 260 9.80 13.12 22.41
C LEU B 260 8.45 12.70 21.86
N ASN B 261 8.43 11.64 21.05
CA ASN B 261 7.18 11.13 20.52
C ASN B 261 6.84 9.82 21.20
N LEU B 262 5.65 9.74 21.77
CA LEU B 262 5.20 8.53 22.44
C LEU B 262 4.03 7.97 21.64
N VAL B 263 4.36 7.06 20.72
CA VAL B 263 3.37 6.48 19.81
C VAL B 263 2.72 5.16 20.25
N ASP B 264 1.39 5.17 20.28
CA ASP B 264 0.58 4.00 20.65
C ASP B 264 -0.09 3.44 19.38
N LEU B 265 0.64 2.64 18.62
CA LEU B 265 0.12 2.05 17.38
C LEU B 265 -1.16 1.22 17.54
N ALA B 266 -1.87 1.04 16.42
CA ALA B 266 -3.09 0.25 16.38
C ALA B 266 -2.70 -1.20 16.47
N GLY B 267 -3.59 -2.03 17.03
CA GLY B 267 -3.32 -3.45 17.18
C GLY B 267 -2.90 -4.15 15.91
N SER B 268 -1.83 -4.93 16.03
CA SER B 268 -1.25 -5.65 14.91
C SER B 268 -1.93 -6.92 14.38
N GLU B 269 -3.06 -7.31 14.96
CA GLU B 269 -3.78 -8.51 14.49
C GLU B 269 -4.39 -8.19 13.13
N ASN B 270 -4.36 -6.89 12.88
CA ASN B 270 -4.83 -6.25 11.67
C ASN B 270 -3.62 -5.52 11.13
N ILE B 287 -6.50 -3.33 6.37
CA ILE B 287 -7.47 -2.24 6.24
C ILE B 287 -6.89 -0.96 6.84
N ASN B 288 -5.78 -1.11 7.54
CA ASN B 288 -5.09 0.03 8.16
C ASN B 288 -3.89 0.44 7.27
N GLN B 289 -4.10 1.47 6.46
CA GLN B 289 -3.07 1.97 5.54
C GLN B 289 -1.78 2.37 6.22
N SER B 290 -1.88 2.91 7.44
CA SER B 290 -0.71 3.31 8.20
C SER B 290 0.02 2.13 8.83
N LEU B 291 -0.72 1.15 9.32
CA LEU B 291 -0.09 -0.02 9.92
C LEU B 291 0.66 -0.75 8.82
N LEU B 292 0.01 -0.87 7.67
CA LEU B 292 0.56 -1.55 6.49
C LEU B 292 1.82 -0.84 6.00
N THR B 293 1.75 0.48 5.90
CA THR B 293 2.89 1.25 5.45
C THR B 293 4.07 1.18 6.39
N LEU B 294 3.82 1.12 7.71
CA LEU B 294 4.91 1.05 8.69
C LEU B 294 5.72 -0.21 8.42
N GLY B 295 5.01 -1.32 8.21
CA GLY B 295 5.67 -2.58 7.92
C GLY B 295 6.48 -2.59 6.63
N ARG B 296 5.99 -1.90 5.61
CA ARG B 296 6.67 -1.82 4.32
C ARG B 296 7.84 -0.84 4.40
N VAL B 297 7.78 0.10 5.33
CA VAL B 297 8.86 1.06 5.51
C VAL B 297 9.97 0.32 6.25
N ILE B 298 9.61 -0.38 7.32
CA ILE B 298 10.57 -1.15 8.11
C ILE B 298 11.28 -2.22 7.26
N THR B 299 10.58 -2.81 6.29
CA THR B 299 11.16 -3.82 5.40
C THR B 299 12.23 -3.19 4.51
N ALA B 300 11.83 -2.13 3.82
CA ALA B 300 12.69 -1.40 2.92
C ALA B 300 13.93 -0.81 3.58
N LEU B 301 13.88 -0.52 4.88
CA LEU B 301 15.06 0.03 5.55
C LEU B 301 15.97 -1.14 5.91
N VAL B 302 15.36 -2.22 6.39
CA VAL B 302 16.14 -3.41 6.74
C VAL B 302 16.81 -4.03 5.51
N GLU B 303 16.07 -4.16 4.41
CA GLU B 303 16.60 -4.72 3.18
C GLU B 303 17.45 -3.76 2.34
N ARG B 304 17.68 -2.57 2.86
CA ARG B 304 18.48 -1.55 2.18
C ARG B 304 18.05 -1.15 0.77
N THR B 305 16.76 -1.27 0.48
CA THR B 305 16.25 -0.88 -0.84
C THR B 305 16.30 0.66 -0.87
N PRO B 306 16.68 1.24 -2.02
CA PRO B 306 16.77 2.70 -2.21
C PRO B 306 15.53 3.48 -1.85
N HIS B 307 14.38 2.92 -2.19
CA HIS B 307 13.10 3.56 -1.94
C HIS B 307 12.40 3.09 -0.67
N VAL B 308 12.01 4.06 0.16
CA VAL B 308 11.29 3.78 1.39
C VAL B 308 9.98 4.55 1.24
N PRO B 309 8.87 3.84 1.19
CA PRO B 309 7.51 4.40 1.02
C PRO B 309 6.92 5.31 2.10
N TYR B 310 7.74 6.12 2.77
CA TYR B 310 7.25 7.02 3.81
C TYR B 310 5.95 7.72 3.44
N ARG B 311 5.91 8.24 2.21
CA ARG B 311 4.76 9.00 1.71
C ARG B 311 3.41 8.28 1.57
N GLU B 312 3.40 6.95 1.61
CA GLU B 312 2.15 6.17 1.44
C GLU B 312 1.18 6.11 2.62
N SER B 313 1.38 6.95 3.63
CA SER B 313 0.49 6.99 4.79
C SER B 313 0.85 8.11 5.74
N LYS B 314 -0.15 8.65 6.42
CA LYS B 314 0.03 9.74 7.38
C LYS B 314 1.06 9.41 8.46
N LEU B 315 0.88 8.27 9.12
CA LEU B 315 1.78 7.86 10.20
C LEU B 315 3.25 7.92 9.82
N THR B 316 3.60 7.30 8.71
CA THR B 316 4.97 7.25 8.25
C THR B 316 5.50 8.59 7.82
N ARG B 317 4.64 9.42 7.25
CA ARG B 317 5.07 10.74 6.84
C ARG B 317 5.41 11.50 8.12
N ILE B 318 4.44 11.62 8.99
CA ILE B 318 4.64 12.30 10.25
C ILE B 318 5.87 11.77 11.02
N LEU B 319 6.04 10.47 11.08
CA LEU B 319 7.13 9.90 11.84
C LEU B 319 8.32 9.44 10.99
N GLN B 320 8.52 10.10 9.86
CA GLN B 320 9.60 9.78 8.95
C GLN B 320 11.00 9.78 9.56
N ASP B 321 11.33 10.87 10.24
CA ASP B 321 12.62 11.01 10.87
C ASP B 321 12.83 9.98 11.98
N SER B 322 11.79 9.20 12.29
CA SER B 322 11.86 8.19 13.34
C SER B 322 12.21 6.79 12.77
N LEU B 323 12.17 6.67 11.46
CA LEU B 323 12.48 5.40 10.83
C LEU B 323 13.60 5.58 9.80
N GLY B 324 14.83 5.26 10.20
CA GLY B 324 15.97 5.40 9.32
C GLY B 324 16.47 6.83 9.20
N GLY B 325 16.03 7.67 10.12
CA GLY B 325 16.44 9.07 10.11
C GLY B 325 17.37 9.47 11.24
N ARG B 326 17.16 10.68 11.76
CA ARG B 326 17.99 11.23 12.83
C ARG B 326 17.44 11.15 14.25
N THR B 327 16.18 10.79 14.38
CA THR B 327 15.62 10.65 15.70
C THR B 327 16.13 9.32 16.22
N ARG B 328 16.25 9.19 17.52
CA ARG B 328 16.70 7.94 18.09
C ARG B 328 15.38 7.22 18.39
N THR B 329 15.27 5.96 17.98
CA THR B 329 14.03 5.24 18.17
C THR B 329 14.08 4.00 19.03
N SER B 330 12.97 3.76 19.73
CA SER B 330 12.83 2.59 20.57
C SER B 330 11.47 2.00 20.28
N ILE B 331 11.42 0.68 20.22
CA ILE B 331 10.18 -0.01 19.99
C ILE B 331 9.92 -0.98 21.12
N ILE B 332 8.76 -0.84 21.74
CA ILE B 332 8.35 -1.73 22.82
C ILE B 332 7.33 -2.68 22.20
N ALA B 333 7.71 -3.94 22.11
CA ALA B 333 6.88 -4.97 21.53
C ALA B 333 6.22 -5.72 22.66
N THR B 334 4.89 -5.63 22.72
CA THR B 334 4.12 -6.28 23.77
C THR B 334 3.58 -7.60 23.25
N ILE B 335 3.57 -8.59 24.14
CA ILE B 335 3.08 -9.91 23.78
C ILE B 335 2.16 -10.51 24.84
N SER B 336 1.54 -11.64 24.50
CA SER B 336 0.65 -12.34 25.41
C SER B 336 1.29 -13.62 25.89
N PRO B 337 0.92 -14.07 27.10
CA PRO B 337 1.49 -15.30 27.64
C PRO B 337 0.59 -16.50 27.35
N ALA B 338 -0.57 -16.25 26.77
CA ALA B 338 -1.55 -17.30 26.48
C ALA B 338 -1.27 -18.10 25.20
N SER B 339 -1.58 -19.39 25.24
CA SER B 339 -1.36 -20.24 24.08
C SER B 339 -2.33 -19.84 22.96
N LEU B 340 -3.48 -19.28 23.33
CA LEU B 340 -4.49 -18.85 22.37
C LEU B 340 -4.01 -17.72 21.48
N ASN B 341 -2.95 -17.04 21.93
CA ASN B 341 -2.37 -15.90 21.21
C ASN B 341 -1.05 -16.21 20.55
N LEU B 342 -0.68 -17.49 20.59
CA LEU B 342 0.58 -17.97 20.03
C LEU B 342 0.95 -17.34 18.71
N GLU B 343 0.11 -17.62 17.72
CA GLU B 343 0.32 -17.15 16.39
C GLU B 343 0.54 -15.64 16.26
N GLU B 344 -0.25 -14.82 16.96
CA GLU B 344 -0.05 -13.38 16.88
C GLU B 344 1.21 -13.01 17.68
N THR B 345 1.48 -13.74 18.76
CA THR B 345 2.67 -13.51 19.57
C THR B 345 3.92 -13.75 18.71
N LEU B 346 3.91 -14.84 17.93
CA LEU B 346 5.00 -15.18 17.02
C LEU B 346 5.13 -14.08 15.96
N SER B 347 4.03 -13.67 15.36
CA SER B 347 4.07 -12.63 14.37
C SER B 347 4.80 -11.43 14.95
N THR B 348 4.33 -10.98 16.11
CA THR B 348 4.93 -9.84 16.80
C THR B 348 6.45 -9.96 16.98
N LEU B 349 6.88 -11.04 17.59
CA LEU B 349 8.31 -11.26 17.81
C LEU B 349 9.12 -11.18 16.51
N GLU B 350 8.62 -11.84 15.47
CA GLU B 350 9.30 -11.83 14.17
C GLU B 350 9.43 -10.40 13.66
N TYR B 351 8.33 -9.67 13.73
CA TYR B 351 8.25 -8.29 13.28
C TYR B 351 9.20 -7.38 14.06
N ALA B 352 9.16 -7.48 15.39
CA ALA B 352 10.00 -6.66 16.26
C ALA B 352 11.49 -6.98 16.08
N HIS B 353 11.79 -8.27 15.90
CA HIS B 353 13.17 -8.74 15.75
C HIS B 353 13.89 -8.14 14.54
N ARG B 354 13.31 -8.27 13.36
CA ARG B 354 13.94 -7.72 12.16
C ARG B 354 14.00 -6.20 12.21
N ALA B 355 13.17 -5.58 13.04
CA ALA B 355 13.20 -4.12 13.18
C ALA B 355 14.51 -3.68 13.82
N LYS B 356 15.14 -4.60 14.54
CA LYS B 356 16.40 -4.29 15.21
C LYS B 356 17.47 -3.78 14.26
N ASN B 357 17.46 -4.26 13.01
CA ASN B 357 18.45 -3.84 12.02
C ASN B 357 18.31 -2.44 11.45
N ILE B 358 17.26 -1.73 11.82
CA ILE B 358 17.06 -0.39 11.32
C ILE B 358 18.11 0.55 11.89
N LEU B 359 18.78 1.28 11.00
CA LEU B 359 19.83 2.22 11.37
C LEU B 359 19.40 3.68 11.38
N ASN B 360 19.52 4.29 12.56
CA ASN B 360 19.17 5.69 12.78
C ASN B 360 20.42 6.38 13.27
N LYS B 361 20.60 7.65 12.90
CA LYS B 361 21.76 8.39 13.37
C LYS B 361 21.33 9.66 14.08
N PRO B 362 21.19 9.61 15.42
CA PRO B 362 20.79 10.72 16.28
C PRO B 362 21.60 11.99 16.02
N GLU B 363 20.92 13.13 15.98
CA GLU B 363 21.60 14.41 15.75
C GLU B 363 20.87 15.57 16.41
N VAL B 364 21.62 16.38 17.14
CA VAL B 364 21.08 17.55 17.82
C VAL B 364 20.66 18.58 16.77
N ASN B 365 19.83 19.54 17.18
CA ASN B 365 19.35 20.58 16.28
C ASN B 365 19.26 21.92 17.01
MG MG C . -1.49 6.08 -22.94
K K D . 5.91 -3.45 -32.57
CL CL E . -5.15 -4.35 -40.88
PB ADP F . 1.79 4.79 -23.77
O1B ADP F . 2.13 6.00 -23.01
O2B ADP F . 2.56 3.53 -23.23
O3B ADP F . 0.39 4.51 -23.72
PA ADP F . 1.46 5.34 -26.59
O1A ADP F . 0.69 4.22 -27.11
O2A ADP F . 0.59 6.46 -26.34
O3A ADP F . 2.23 4.96 -25.25
O5' ADP F . 2.47 5.94 -27.62
C5' ADP F . 3.86 6.21 -27.57
C4' ADP F . 4.22 6.78 -28.99
O4' ADP F . 4.91 5.69 -29.55
C3' ADP F . 3.05 7.06 -29.96
O3' ADP F . 3.24 8.26 -30.73
C2' ADP F . 2.92 5.83 -30.84
O2' ADP F . 2.42 6.07 -32.16
C1' ADP F . 4.30 5.23 -30.76
N9 ADP F . 4.27 3.72 -30.74
C8 ADP F . 4.23 2.93 -29.62
N7 ADP F . 4.22 1.66 -29.97
C5 ADP F . 4.25 1.60 -31.27
C6 ADP F . 4.25 0.58 -32.22
N6 ADP F . 4.23 -0.69 -31.81
N1 ADP F . 4.29 0.87 -33.58
C2 ADP F . 4.32 2.16 -34.08
N3 ADP F . 4.32 3.17 -33.16
C4 ADP F . 4.29 2.93 -31.77
S MOY G . -7.36 7.34 -32.73
O3 MOY G . -10.42 2.40 -29.57
O4 MOY G . -8.15 2.81 -36.27
N1 MOY G . -7.93 4.94 -31.67
N2 MOY G . -9.76 6.40 -32.01
C1 MOY G . -8.40 6.22 -32.13
C2 MOY G . -10.53 5.77 -30.96
C3 MOY G . -10.04 4.51 -30.52
C4 MOY G . -8.99 3.87 -31.47
C5 MOY G . -10.43 7.33 -32.97
C6 MOY G . -11.72 6.56 -30.47
C17 MOY G . -10.54 3.61 -29.41
C18 MOY G . -11.09 4.17 -28.12
C19 MOY G . -12.12 3.46 -27.45
C20 MOY G . -12.67 3.97 -26.22
C21 MOY G . -12.15 5.20 -25.67
C22 MOY G . -11.15 5.88 -26.33
C23 MOY G . -10.60 5.39 -27.54
C24 MOY G . -9.57 3.40 -32.87
C25 MOY G . -8.63 3.30 -33.96
C26 MOY G . -9.07 2.89 -35.24
C27 MOY G . -10.44 2.58 -35.48
C28 MOY G . -11.35 2.67 -34.42
C29 MOY G . -10.94 3.07 -33.12
O1 PG4 H . 7.69 -0.28 -37.49
C1 PG4 H . 7.13 -1.03 -36.43
C2 PG4 H . 5.74 -0.47 -36.12
O2 PG4 H . 4.95 -1.63 -35.81
C3 PG4 H . 3.53 -1.37 -35.46
C4 PG4 H . 2.63 -0.93 -36.61
O3 PG4 H . 1.26 -1.38 -36.38
C5 PG4 H . 0.48 -1.79 -37.55
C6 PG4 H . 1.01 -1.18 -38.88
O4 PG4 H . 0.85 -2.06 -40.03
C7 PG4 H . -0.57 -2.39 -40.23
C8 PG4 H . -0.79 -3.88 -40.02
O5 PG4 H . -2.00 -4.09 -39.19
MG MG I . -5.28 -0.04 23.73
PB ADP J . -3.68 -2.91 24.18
O1B ADP J . -4.99 -3.13 23.50
O2B ADP J . -2.54 -3.75 23.52
O3B ADP J . -3.30 -1.52 24.15
PA ADP J . -4.14 -2.67 27.01
O1A ADP J . -3.04 -1.86 27.50
O2A ADP J . -5.27 -1.82 26.82
O3A ADP J . -3.77 -3.39 25.67
O5' ADP J . -4.68 -3.67 28.03
C5' ADP J . -4.92 -5.08 27.97
C4' ADP J . -5.48 -5.47 29.40
O4' ADP J . -4.42 -6.16 29.95
C3' ADP J . -5.75 -4.30 30.39
O3' ADP J . -7.04 -4.34 31.02
C2' ADP J . -4.60 -4.28 31.40
O2' ADP J . -4.99 -4.02 32.76
C1' ADP J . -3.93 -5.59 31.19
N9 ADP J . -2.43 -5.53 31.07
C8 ADP J . -1.72 -5.60 29.91
N7 ADP J . -0.44 -5.53 30.17
C5 ADP J . -0.29 -5.43 31.47
C6 ADP J . 0.80 -5.34 32.35
N6 ADP J . 2.03 -5.34 31.86
N1 ADP J . 0.59 -5.24 33.73
C2 ADP J . -0.67 -5.24 34.31
N3 ADP J . -1.75 -5.33 33.45
C4 ADP J . -1.59 -5.43 32.06
S MOY K . -7.00 5.92 33.90
O3 MOY K . -1.85 8.78 30.76
O4 MOY K . -1.53 6.01 37.02
N1 MOY K . -4.67 6.34 32.79
N2 MOY K . -5.89 8.33 33.24
C1 MOY K . -5.85 6.93 33.30
C2 MOY K . -5.18 9.08 32.20
C3 MOY K . -4.02 8.47 31.70
C4 MOY K . -3.48 7.27 32.56
C5 MOY K . -6.68 9.08 34.27
C6 MOY K . -5.81 10.37 31.76
C17 MOY K . -3.08 8.91 30.58
C18 MOY K . -3.59 9.42 29.26
C19 MOY K . -2.75 10.29 28.51
C20 MOY K . -3.21 10.80 27.24
C21 MOY K . -4.50 10.42 26.74
C22 MOY K . -5.31 9.56 27.48
C23 MOY K . -4.87 9.04 28.74
C24 MOY K . -2.84 7.73 33.94
C25 MOY K . -2.47 6.67 34.87
C26 MOY K . -1.87 7.01 36.13
C27 MOY K . -1.65 8.37 36.49
C28 MOY K . -2.00 9.38 35.60
C29 MOY K . -2.58 9.08 34.34
#